data_8J2P
#
_entry.id   8J2P
#
_cell.length_a   122.550
_cell.length_b   122.550
_cell.length_c   163.224
_cell.angle_alpha   90.00
_cell.angle_beta   90.00
_cell.angle_gamma   120.00
#
_symmetry.space_group_name_H-M   'H 3'
#
loop_
_entity.id
_entity.type
_entity.pdbx_description
1 polymer 'Maltose/maltodextrin-binding periplasmic protein,Protein PML'
2 branched alpha-D-glucopyranose-(1-4)-alpha-D-glucopyranose
3 non-polymer 'ZINC ION'
4 water water
#
_entity_poly.entity_id   1
_entity_poly.type   'polypeptide(L)'
_entity_poly.pdbx_seq_one_letter_code
;MGKIEEGKLVIWINGDKGYNGLAEVGKKFEKDTGIKVTVEHPDKLEEKFPQVAATGDGPDIIFWAHDRFGGYAQSGLLAE
ITPDKAFQDKLYPFTWDAVRYNGKLIAYPIAVEALSLIYNKDLLPNPPKTWEEIPALDKELKAKGKSALMFNLQEPYFTW
PLIAADGGYAFKYENGKYDIKDVGVDNAGAKAGLTFLVDLIKNKHMNADTDYSIAEAAFNKGETAMTINGPWAWSNIDTS
KVNYGVTVLPTFKGQPSKPFVGVLSAGINAASPNKELAKEFLENYLLTDEGLEAVNKDKPLGAVALKSYEEELAKDPRIA
ATMENAQKGEIMPNIPQMSAFWYAVRTAVINAASGRQTVDEALKDAQTNAAAEFKTNNIFCSNPNHRTPTLTSIYCRGCS
KPLCCSCALLDSSHSELKCDISAEIQQR
;
_entity_poly.pdbx_strand_id   E,A
#
loop_
_chem_comp.id
_chem_comp.type
_chem_comp.name
_chem_comp.formula
GLC D-saccharide, alpha linking alpha-D-glucopyranose 'C6 H12 O6'
ZN non-polymer 'ZINC ION' 'Zn 2'
#
# COMPACT_ATOMS: atom_id res chain seq x y z
N ILE A 4 -11.09 17.99 4.05
CA ILE A 4 -12.41 17.49 4.42
C ILE A 4 -13.39 18.66 4.51
N GLU A 5 -14.53 18.54 3.83
CA GLU A 5 -15.46 19.65 3.67
C GLU A 5 -16.31 19.84 4.92
N GLU A 6 -16.34 21.07 5.42
CA GLU A 6 -17.16 21.43 6.58
C GLU A 6 -18.64 21.44 6.20
N GLY A 7 -19.46 20.94 7.10
CA GLY A 7 -20.90 21.06 6.96
C GLY A 7 -21.55 19.99 6.12
N LYS A 8 -20.87 18.87 5.93
CA LYS A 8 -21.46 17.71 5.28
C LYS A 8 -20.77 16.46 5.82
N LEU A 9 -21.24 15.29 5.38
CA LEU A 9 -20.63 14.02 5.77
C LEU A 9 -20.30 13.22 4.53
N VAL A 10 -19.08 12.70 4.46
CA VAL A 10 -18.67 11.74 3.45
C VAL A 10 -18.35 10.44 4.16
N ILE A 11 -18.87 9.34 3.62
CA ILE A 11 -18.82 8.03 4.25
C ILE A 11 -18.20 7.03 3.27
N TRP A 12 -17.24 6.25 3.74
CA TRP A 12 -16.63 5.17 2.98
C TRP A 12 -17.07 3.83 3.56
N ILE A 13 -17.52 2.93 2.71
CA ILE A 13 -17.91 1.59 3.14
C ILE A 13 -17.59 0.63 2.00
N ASN A 14 -17.33 -0.64 2.35
CA ASN A 14 -16.89 -1.60 1.34
C ASN A 14 -18.01 -1.87 0.33
N GLY A 15 -17.59 -2.24 -0.88
CA GLY A 15 -18.53 -2.44 -1.98
C GLY A 15 -19.43 -3.65 -1.82
N ASP A 16 -19.08 -4.59 -0.94
CA ASP A 16 -19.92 -5.76 -0.73
C ASP A 16 -20.96 -5.54 0.36
N LYS A 17 -21.02 -4.35 0.95
CA LYS A 17 -21.98 -4.01 1.99
C LYS A 17 -23.16 -3.28 1.39
N GLY A 18 -24.15 -2.98 2.23
CA GLY A 18 -25.34 -2.29 1.78
C GLY A 18 -25.17 -0.78 1.72
N TYR A 19 -24.40 -0.29 0.76
CA TYR A 19 -24.17 1.15 0.68
C TYR A 19 -25.41 1.89 0.20
N ASN A 20 -26.27 1.25 -0.58
CA ASN A 20 -27.51 1.90 -0.99
C ASN A 20 -28.43 2.13 0.20
N GLY A 21 -28.49 1.19 1.13
CA GLY A 21 -29.34 1.36 2.30
C GLY A 21 -28.80 2.39 3.26
N LEU A 22 -27.49 2.42 3.45
CA LEU A 22 -26.87 3.48 4.24
C LEU A 22 -27.15 4.84 3.64
N ALA A 23 -27.17 4.94 2.30
CA ALA A 23 -27.45 6.21 1.66
C ALA A 23 -28.88 6.66 1.94
N GLU A 24 -29.81 5.70 2.09
CA GLU A 24 -31.16 6.05 2.51
C GLU A 24 -31.19 6.58 3.93
N VAL A 25 -30.32 6.07 4.80
CA VAL A 25 -30.19 6.64 6.13
C VAL A 25 -29.63 8.06 6.05
N GLY A 26 -28.70 8.29 5.12
CA GLY A 26 -28.15 9.62 4.94
C GLY A 26 -29.15 10.64 4.41
N LYS A 27 -30.17 10.17 3.68
CA LYS A 27 -31.17 11.10 3.19
C LYS A 27 -32.20 11.44 4.27
N LYS A 28 -32.48 10.51 5.19
CA LYS A 28 -33.28 10.87 6.36
C LYS A 28 -32.54 11.89 7.22
N PHE A 29 -31.24 11.69 7.39
CA PHE A 29 -30.41 12.67 8.09
C PHE A 29 -30.50 14.03 7.43
N GLU A 30 -30.34 14.07 6.10
CA GLU A 30 -30.37 15.35 5.39
C GLU A 30 -31.74 16.02 5.52
N LYS A 31 -32.82 15.25 5.47
CA LYS A 31 -34.13 15.89 5.57
C LYS A 31 -34.38 16.46 6.96
N ASP A 32 -33.72 15.93 7.99
CA ASP A 32 -33.96 16.40 9.35
C ASP A 32 -33.02 17.53 9.75
N THR A 33 -31.78 17.52 9.28
CA THR A 33 -30.80 18.53 9.66
C THR A 33 -30.43 19.49 8.55
N GLY A 34 -30.66 19.14 7.29
CA GLY A 34 -30.13 19.89 6.18
C GLY A 34 -28.70 19.56 5.80
N ILE A 35 -28.09 18.55 6.43
CA ILE A 35 -26.71 18.19 6.18
C ILE A 35 -26.65 17.10 5.12
N LYS A 36 -25.92 17.36 4.04
CA LYS A 36 -25.80 16.39 2.97
C LYS A 36 -24.88 15.25 3.37
N VAL A 37 -25.30 14.02 3.07
CA VAL A 37 -24.52 12.82 3.35
C VAL A 37 -24.24 12.13 2.04
N THR A 38 -22.96 11.92 1.75
CA THR A 38 -22.51 11.24 0.53
C THR A 38 -21.83 9.93 0.91
N VAL A 39 -22.37 8.81 0.42
CA VAL A 39 -21.83 7.48 0.70
C VAL A 39 -21.05 7.00 -0.52
N GLU A 40 -19.81 6.56 -0.30
CA GLU A 40 -18.97 6.06 -1.38
C GLU A 40 -18.38 4.71 -0.99
N HIS A 41 -18.03 3.92 -2.01
CA HIS A 41 -17.44 2.59 -1.82
C HIS A 41 -16.18 2.44 -2.66
N PRO A 42 -15.09 3.12 -2.27
CA PRO A 42 -13.86 3.05 -3.06
C PRO A 42 -13.23 1.66 -3.01
N ASP A 43 -12.48 1.34 -4.06
CA ASP A 43 -11.73 0.09 -4.08
C ASP A 43 -10.55 0.18 -3.12
N LYS A 44 -10.23 -0.96 -2.49
CA LYS A 44 -9.14 -1.05 -1.52
C LYS A 44 -9.19 0.09 -0.51
N LEU A 45 -10.39 0.38 -0.01
CA LEU A 45 -10.55 1.53 0.87
C LEU A 45 -9.78 1.35 2.18
N GLU A 46 -9.57 0.11 2.61
CA GLU A 46 -8.86 -0.15 3.85
C GLU A 46 -7.37 0.15 3.75
N GLU A 47 -6.81 0.17 2.54
CA GLU A 47 -5.45 0.62 2.31
C GLU A 47 -5.39 2.08 1.88
N LYS A 48 -6.47 2.57 1.25
CA LYS A 48 -6.53 3.98 0.84
C LYS A 48 -6.72 4.90 2.05
N PHE A 49 -7.54 4.49 3.02
CA PHE A 49 -7.82 5.37 4.14
C PHE A 49 -6.58 5.80 4.90
N PRO A 50 -5.70 4.89 5.37
CA PRO A 50 -4.48 5.36 6.06
C PRO A 50 -3.65 6.28 5.19
N GLN A 51 -3.72 6.13 3.87
CA GLN A 51 -2.91 6.95 2.97
C GLN A 51 -3.41 8.39 2.90
N VAL A 52 -4.72 8.58 2.69
CA VAL A 52 -5.24 9.94 2.56
C VAL A 52 -5.46 10.59 3.93
N ALA A 53 -5.78 9.79 4.95
CA ALA A 53 -6.04 10.37 6.27
C ALA A 53 -4.79 10.95 6.92
N ALA A 54 -3.60 10.42 6.56
CA ALA A 54 -2.36 10.90 7.18
C ALA A 54 -2.12 12.38 6.91
N THR A 55 -2.67 12.92 5.82
CA THR A 55 -2.58 14.34 5.53
C THR A 55 -3.90 15.07 5.82
N GLY A 56 -4.85 14.42 6.48
CA GLY A 56 -6.10 15.06 6.82
C GLY A 56 -7.16 15.00 5.74
N ASP A 57 -7.02 14.12 4.75
CA ASP A 57 -8.03 13.92 3.73
C ASP A 57 -8.87 12.69 4.07
N GLY A 58 -9.73 12.29 3.13
CA GLY A 58 -10.52 11.11 3.29
C GLY A 58 -11.91 11.42 3.80
N PRO A 59 -12.64 10.38 4.18
CA PRO A 59 -14.03 10.55 4.61
C PRO A 59 -14.10 11.02 6.06
N ASP A 60 -15.27 11.55 6.42
CA ASP A 60 -15.56 11.79 7.82
C ASP A 60 -15.70 10.48 8.59
N ILE A 61 -16.27 9.46 7.94
CA ILE A 61 -16.59 8.17 8.58
C ILE A 61 -16.12 7.05 7.67
N ILE A 62 -15.46 6.06 8.25
CA ILE A 62 -15.03 4.87 7.53
C ILE A 62 -15.61 3.64 8.20
N PHE A 63 -16.16 2.73 7.40
CA PHE A 63 -16.64 1.42 7.84
C PHE A 63 -15.65 0.34 7.44
N TRP A 64 -15.27 -0.50 8.40
CA TRP A 64 -14.55 -1.74 8.11
C TRP A 64 -14.71 -2.66 9.30
N ALA A 65 -14.39 -3.95 9.09
CA ALA A 65 -14.22 -4.85 10.21
C ALA A 65 -13.23 -4.26 11.21
N HIS A 66 -13.35 -4.64 12.49
CA HIS A 66 -12.60 -3.96 13.54
C HIS A 66 -11.10 -4.22 13.48
N ASP A 67 -10.66 -5.27 12.77
CA ASP A 67 -9.26 -5.67 12.87
C ASP A 67 -8.30 -4.61 12.34
N ARG A 68 -8.75 -3.78 11.40
CA ARG A 68 -7.85 -2.77 10.85
C ARG A 68 -7.84 -1.47 11.63
N PHE A 69 -8.76 -1.33 12.58
CA PHE A 69 -8.93 -0.01 13.26
C PHE A 69 -7.82 0.26 14.29
N GLY A 70 -7.23 -0.78 14.88
CA GLY A 70 -6.13 -0.57 15.83
C GLY A 70 -4.93 0.07 15.17
N GLY A 71 -4.58 -0.37 13.97
CA GLY A 71 -3.46 0.25 13.23
C GLY A 71 -3.76 1.70 12.89
N TYR A 72 -5.00 1.98 12.47
CA TYR A 72 -5.39 3.37 12.16
C TYR A 72 -5.23 4.21 13.43
N ALA A 73 -5.72 3.70 14.55
CA ALA A 73 -5.66 4.48 15.79
C ALA A 73 -4.23 4.69 16.24
N GLN A 74 -3.40 3.65 16.15
CA GLN A 74 -1.99 3.78 16.51
C GLN A 74 -1.33 4.91 15.72
N SER A 75 -1.70 5.05 14.45
CA SER A 75 -1.19 6.13 13.61
C SER A 75 -1.91 7.46 13.84
N GLY A 76 -2.90 7.48 14.74
CA GLY A 76 -3.57 8.73 15.08
C GLY A 76 -4.62 9.17 14.09
N LEU A 77 -5.21 8.25 13.34
CA LEU A 77 -6.14 8.60 12.27
C LEU A 77 -7.60 8.60 12.72
N LEU A 78 -7.88 8.16 13.93
CA LEU A 78 -9.25 7.95 14.39
C LEU A 78 -9.50 8.76 15.65
N ALA A 79 -10.64 9.45 15.70
CA ALA A 79 -11.02 10.18 16.89
C ALA A 79 -11.53 9.19 17.93
N GLU A 80 -11.27 9.50 19.20
CA GLU A 80 -11.88 8.75 20.27
C GLU A 80 -13.35 9.13 20.36
N ILE A 81 -14.21 8.12 20.50
CA ILE A 81 -15.65 8.36 20.57
C ILE A 81 -16.09 8.35 22.02
N THR A 82 -17.18 9.07 22.31
CA THR A 82 -17.61 9.35 23.68
C THR A 82 -19.10 9.06 23.85
N PRO A 83 -19.54 7.81 23.66
CA PRO A 83 -20.95 7.50 23.92
C PRO A 83 -21.17 7.41 25.43
N ASP A 84 -22.22 8.08 25.92
CA ASP A 84 -22.48 7.93 27.35
C ASP A 84 -22.94 6.52 27.65
N LYS A 85 -22.97 6.17 28.94
CA LYS A 85 -23.19 4.77 29.29
C LYS A 85 -24.59 4.30 28.93
N ALA A 86 -25.55 5.23 28.86
CA ALA A 86 -26.89 4.85 28.43
C ALA A 86 -26.87 4.32 27.01
N PHE A 87 -26.09 4.95 26.14
CA PHE A 87 -26.01 4.47 24.76
C PHE A 87 -25.19 3.19 24.66
N GLN A 88 -24.16 3.04 25.50
CA GLN A 88 -23.38 1.82 25.47
C GLN A 88 -24.23 0.62 25.87
N ASP A 89 -25.15 0.82 26.82
CA ASP A 89 -26.07 -0.24 27.24
C ASP A 89 -26.99 -0.70 26.12
N LYS A 90 -27.04 0.03 25.00
CA LYS A 90 -27.91 -0.38 23.89
C LYS A 90 -27.24 -1.39 22.97
N LEU A 91 -25.92 -1.55 23.05
CA LEU A 91 -25.19 -2.50 22.23
C LEU A 91 -24.65 -3.63 23.10
N TYR A 92 -24.44 -4.79 22.48
CA TYR A 92 -23.93 -5.93 23.21
C TYR A 92 -22.51 -5.65 23.70
N PRO A 93 -22.17 -6.05 24.94
CA PRO A 93 -20.81 -5.80 25.44
C PRO A 93 -19.74 -6.44 24.59
N PHE A 94 -20.04 -7.59 23.99
CA PHE A 94 -19.13 -8.28 23.09
C PHE A 94 -18.65 -7.35 21.98
N THR A 95 -19.56 -6.56 21.41
CA THR A 95 -19.20 -5.70 20.30
C THR A 95 -18.33 -4.51 20.75
N TRP A 96 -18.61 -3.94 21.93
CA TRP A 96 -17.77 -2.85 22.41
C TRP A 96 -16.33 -3.30 22.62
N ASP A 97 -16.12 -4.54 23.05
CA ASP A 97 -14.76 -5.03 23.26
C ASP A 97 -13.95 -5.00 21.96
N ALA A 98 -14.59 -5.31 20.83
CA ALA A 98 -13.88 -5.34 19.56
C ALA A 98 -13.35 -3.96 19.15
N VAL A 99 -13.98 -2.89 19.59
CA VAL A 99 -13.61 -1.53 19.16
C VAL A 99 -12.80 -0.80 20.24
N ARG A 100 -12.27 -1.51 21.21
CA ARG A 100 -11.41 -0.90 22.23
C ARG A 100 -9.95 -1.09 21.84
N TYR A 101 -9.22 0.01 21.72
CA TYR A 101 -7.80 -0.03 21.42
C TYR A 101 -7.05 0.88 22.38
N ASN A 102 -6.02 0.33 23.02
CA ASN A 102 -5.24 1.06 24.02
C ASN A 102 -6.15 1.61 25.11
N GLY A 103 -7.20 0.85 25.44
CA GLY A 103 -8.13 1.23 26.48
C GLY A 103 -9.21 2.21 26.05
N LYS A 104 -9.13 2.75 24.85
CA LYS A 104 -10.06 3.75 24.35
C LYS A 104 -11.01 3.14 23.33
N LEU A 105 -12.25 3.62 23.31
CA LEU A 105 -13.18 3.26 22.26
C LEU A 105 -12.88 4.10 21.03
N ILE A 106 -12.68 3.44 19.89
CA ILE A 106 -12.20 4.12 18.69
C ILE A 106 -13.16 3.94 17.51
N ALA A 107 -14.35 3.41 17.74
CA ALA A 107 -15.31 3.18 16.66
C ALA A 107 -16.63 2.71 17.25
N TYR A 108 -17.71 2.93 16.49
CA TYR A 108 -19.01 2.39 16.84
C TYR A 108 -19.16 0.99 16.25
N PRO A 109 -19.41 -0.03 17.07
CA PRO A 109 -19.71 -1.36 16.50
C PRO A 109 -21.06 -1.38 15.83
N ILE A 110 -21.13 -2.06 14.68
CA ILE A 110 -22.34 -2.12 13.87
C ILE A 110 -22.91 -3.53 13.82
N ALA A 111 -22.09 -4.53 13.53
CA ALA A 111 -22.62 -5.87 13.29
C ALA A 111 -21.52 -6.91 13.43
N VAL A 112 -21.93 -8.13 13.80
CA VAL A 112 -21.02 -9.26 13.94
C VAL A 112 -21.13 -10.14 12.71
N GLU A 113 -19.99 -10.42 12.09
CA GLU A 113 -19.92 -11.22 10.88
C GLU A 113 -19.08 -12.47 11.14
N ALA A 114 -19.52 -13.59 10.58
CA ALA A 114 -18.71 -14.80 10.57
C ALA A 114 -19.06 -15.63 9.36
N LEU A 115 -18.05 -16.30 8.80
CA LEU A 115 -18.26 -17.20 7.68
C LEU A 115 -19.10 -18.40 8.11
N SER A 116 -19.90 -18.90 7.16
CA SER A 116 -20.68 -20.11 7.36
C SER A 116 -20.60 -20.95 6.09
N LEU A 117 -21.01 -22.21 6.21
CA LEU A 117 -21.20 -23.07 5.04
C LEU A 117 -22.58 -22.82 4.46
N ILE A 118 -22.63 -22.43 3.19
CA ILE A 118 -23.88 -22.23 2.47
C ILE A 118 -24.02 -23.36 1.46
N TYR A 119 -25.21 -23.96 1.39
CA TYR A 119 -25.40 -25.15 0.58
C TYR A 119 -26.73 -25.08 -0.16
N ASN A 120 -26.79 -25.79 -1.30
CA ASN A 120 -27.98 -25.86 -2.14
C ASN A 120 -28.82 -27.04 -1.69
N LYS A 121 -30.02 -26.76 -1.15
CA LYS A 121 -30.85 -27.82 -0.60
C LYS A 121 -31.30 -28.81 -1.65
N ASP A 122 -31.49 -28.35 -2.90
CA ASP A 122 -31.97 -29.25 -3.94
C ASP A 122 -30.87 -30.22 -4.38
N LEU A 123 -29.62 -29.75 -4.43
CA LEU A 123 -28.52 -30.65 -4.80
C LEU A 123 -28.05 -31.46 -3.60
N LEU A 124 -28.04 -30.86 -2.41
CA LEU A 124 -27.42 -31.44 -1.22
C LEU A 124 -28.39 -31.32 -0.05
N PRO A 125 -29.29 -32.29 0.12
CA PRO A 125 -30.23 -32.19 1.25
C PRO A 125 -29.55 -32.27 2.60
N ASN A 126 -28.53 -33.12 2.74
CA ASN A 126 -27.76 -33.26 3.97
C ASN A 126 -26.33 -32.80 3.73
N PRO A 127 -25.96 -31.60 4.16
CA PRO A 127 -24.61 -31.10 3.87
C PRO A 127 -23.58 -31.84 4.69
N PRO A 128 -22.35 -31.98 4.18
CA PRO A 128 -21.34 -32.74 4.91
C PRO A 128 -20.94 -32.06 6.21
N LYS A 129 -20.67 -32.88 7.23
CA LYS A 129 -20.20 -32.39 8.53
C LYS A 129 -18.69 -32.26 8.60
N THR A 130 -17.95 -32.89 7.70
CA THR A 130 -16.50 -32.92 7.75
C THR A 130 -15.92 -32.53 6.40
N TRP A 131 -14.76 -31.88 6.44
CA TRP A 131 -14.02 -31.60 5.21
C TRP A 131 -13.62 -32.87 4.50
N GLU A 132 -13.36 -33.94 5.26
CA GLU A 132 -12.87 -35.19 4.69
C GLU A 132 -13.86 -35.83 3.73
N GLU A 133 -15.16 -35.57 3.88
CA GLU A 133 -16.15 -36.18 3.00
C GLU A 133 -16.31 -35.48 1.66
N ILE A 134 -15.77 -34.28 1.50
CA ILE A 134 -15.99 -33.46 0.31
C ILE A 134 -15.41 -34.09 -0.95
N PRO A 135 -14.20 -34.67 -0.94
CA PRO A 135 -13.70 -35.34 -2.17
C PRO A 135 -14.67 -36.37 -2.74
N ALA A 136 -15.12 -37.33 -1.94
CA ALA A 136 -16.06 -38.32 -2.45
C ALA A 136 -17.39 -37.68 -2.81
N LEU A 137 -17.80 -36.65 -2.08
CA LEU A 137 -19.03 -35.95 -2.41
C LEU A 137 -18.90 -35.22 -3.74
N ASP A 138 -17.74 -34.61 -4.00
CA ASP A 138 -17.52 -33.97 -5.29
C ASP A 138 -17.51 -34.98 -6.42
N LYS A 139 -16.96 -36.18 -6.16
CA LYS A 139 -16.94 -37.22 -7.19
C LYS A 139 -18.35 -37.64 -7.58
N GLU A 140 -19.26 -37.74 -6.60
CA GLU A 140 -20.62 -38.16 -6.92
C GLU A 140 -21.42 -37.05 -7.60
N LEU A 141 -21.11 -35.78 -7.31
CA LEU A 141 -21.86 -34.70 -7.93
C LEU A 141 -21.37 -34.36 -9.32
N LYS A 142 -20.09 -34.60 -9.62
CA LYS A 142 -19.61 -34.42 -10.99
C LYS A 142 -20.23 -35.44 -11.94
N ALA A 143 -20.55 -36.63 -11.45
CA ALA A 143 -21.34 -37.60 -12.21
C ALA A 143 -22.76 -37.14 -12.46
N LYS A 144 -23.12 -35.93 -12.02
CA LYS A 144 -24.42 -35.32 -12.32
C LYS A 144 -24.24 -33.95 -12.96
N GLY A 145 -23.02 -33.59 -13.37
CA GLY A 145 -22.75 -32.30 -13.99
C GLY A 145 -22.64 -31.11 -13.05
N LYS A 146 -22.48 -31.34 -11.75
CA LYS A 146 -22.28 -30.29 -10.76
C LYS A 146 -20.93 -30.49 -10.06
N SER A 147 -20.64 -29.60 -9.12
CA SER A 147 -19.46 -29.71 -8.27
C SER A 147 -19.87 -29.54 -6.81
N ALA A 148 -18.99 -29.98 -5.91
CA ALA A 148 -19.28 -29.93 -4.48
C ALA A 148 -19.14 -28.53 -3.89
N LEU A 149 -18.02 -27.87 -4.13
CA LEU A 149 -17.66 -26.71 -3.33
C LEU A 149 -16.83 -25.72 -4.12
N MET A 150 -17.23 -24.44 -4.04
CA MET A 150 -16.50 -23.34 -4.66
C MET A 150 -16.56 -22.15 -3.72
N PHE A 151 -15.40 -21.66 -3.29
CA PHE A 151 -15.35 -20.44 -2.50
C PHE A 151 -14.07 -19.68 -2.83
N ASN A 152 -14.02 -18.44 -2.35
CA ASN A 152 -12.91 -17.54 -2.65
C ASN A 152 -11.60 -18.10 -2.09
N LEU A 153 -10.67 -18.43 -2.98
CA LEU A 153 -9.35 -18.89 -2.59
C LEU A 153 -8.30 -17.77 -2.63
N GLN A 154 -8.71 -16.54 -2.97
CA GLN A 154 -7.77 -15.44 -3.14
C GLN A 154 -7.62 -14.58 -1.91
N GLU A 155 -8.51 -14.71 -0.93
CA GLU A 155 -8.43 -13.91 0.28
C GLU A 155 -8.32 -14.84 1.49
N PRO A 156 -7.31 -14.66 2.33
CA PRO A 156 -7.06 -15.63 3.41
C PRO A 156 -8.17 -15.70 4.44
N TYR A 157 -9.01 -14.66 4.53
CA TYR A 157 -10.18 -14.69 5.39
C TYR A 157 -11.01 -15.95 5.18
N PHE A 158 -11.12 -16.40 3.92
CA PHE A 158 -11.96 -17.55 3.58
C PHE A 158 -11.29 -18.89 3.84
N THR A 159 -9.97 -18.96 3.73
CA THR A 159 -9.26 -20.22 3.94
C THR A 159 -8.78 -20.40 5.36
N TRP A 160 -8.66 -19.31 6.12
CA TRP A 160 -8.20 -19.40 7.51
C TRP A 160 -9.02 -20.33 8.40
N PRO A 161 -10.35 -20.46 8.28
CA PRO A 161 -11.07 -21.40 9.18
C PRO A 161 -10.53 -22.81 9.12
N LEU A 162 -10.19 -23.29 7.92
CA LEU A 162 -9.62 -24.63 7.79
C LEU A 162 -8.19 -24.68 8.32
N ILE A 163 -7.39 -23.67 7.99
CA ILE A 163 -6.01 -23.63 8.46
C ILE A 163 -5.96 -23.58 9.98
N ALA A 164 -6.90 -22.86 10.59
CA ALA A 164 -6.93 -22.73 12.04
C ALA A 164 -7.50 -23.98 12.73
N ALA A 165 -8.33 -24.75 12.01
CA ALA A 165 -9.09 -25.83 12.62
C ALA A 165 -8.21 -26.76 13.45
N ASP A 166 -7.08 -27.20 12.90
CA ASP A 166 -6.24 -28.20 13.56
C ASP A 166 -5.04 -27.57 14.29
N GLY A 167 -5.08 -26.27 14.56
CA GLY A 167 -4.07 -25.68 15.44
C GLY A 167 -3.27 -24.50 14.91
N GLY A 168 -3.60 -23.99 13.73
CA GLY A 168 -3.00 -22.75 13.27
C GLY A 168 -3.59 -21.55 14.00
N TYR A 169 -2.73 -20.58 14.31
CA TYR A 169 -3.20 -19.36 14.95
C TYR A 169 -2.39 -18.17 14.46
N ALA A 170 -2.97 -16.97 14.64
CA ALA A 170 -2.26 -15.74 14.29
C ALA A 170 -1.24 -15.41 15.36
N PHE A 171 -1.71 -15.03 16.55
CA PHE A 171 -0.87 -14.81 17.71
C PHE A 171 -1.39 -15.68 18.84
N LYS A 172 -0.47 -16.20 19.66
CA LYS A 172 -0.86 -17.13 20.72
C LYS A 172 -1.69 -16.40 21.77
N TYR A 173 -2.94 -16.83 21.95
CA TYR A 173 -3.79 -16.29 22.98
C TYR A 173 -3.72 -17.16 24.23
N GLU A 174 -3.36 -16.55 25.36
CA GLU A 174 -3.24 -17.25 26.63
C GLU A 174 -3.68 -16.32 27.75
N ASN A 175 -4.64 -16.76 28.56
CA ASN A 175 -5.19 -16.01 29.69
C ASN A 175 -5.43 -14.53 29.36
N GLY A 176 -6.32 -14.30 28.40
CA GLY A 176 -6.71 -12.96 28.03
C GLY A 176 -5.68 -12.12 27.30
N LYS A 177 -4.56 -12.71 26.86
CA LYS A 177 -3.48 -11.94 26.29
C LYS A 177 -2.94 -12.61 25.04
N TYR A 178 -2.54 -11.79 24.06
CA TYR A 178 -1.80 -12.24 22.89
C TYR A 178 -0.31 -12.09 23.11
N ASP A 179 0.47 -12.91 22.40
CA ASP A 179 1.93 -12.81 22.38
C ASP A 179 2.38 -12.79 20.93
N ILE A 180 2.72 -11.60 20.42
CA ILE A 180 3.07 -11.48 19.00
C ILE A 180 4.40 -12.11 18.66
N LYS A 181 5.19 -12.51 19.65
CA LYS A 181 6.42 -13.26 19.40
C LYS A 181 6.13 -14.71 19.04
N ASP A 182 4.93 -15.19 19.34
CA ASP A 182 4.55 -16.59 19.18
C ASP A 182 3.49 -16.65 18.07
N VAL A 183 3.95 -16.88 16.84
CA VAL A 183 3.11 -16.91 15.65
C VAL A 183 2.92 -18.36 15.24
N GLY A 184 1.68 -18.71 14.88
CA GLY A 184 1.36 -20.10 14.59
C GLY A 184 1.00 -20.39 13.14
N VAL A 185 1.72 -19.80 12.20
CA VAL A 185 1.33 -19.90 10.80
C VAL A 185 2.02 -21.07 10.10
N ASP A 186 3.18 -21.50 10.59
CA ASP A 186 3.87 -22.63 9.98
C ASP A 186 3.95 -23.85 10.91
N ASN A 187 3.05 -23.96 11.89
CA ASN A 187 3.05 -25.12 12.76
C ASN A 187 2.40 -26.30 12.05
N ALA A 188 2.34 -27.44 12.75
CA ALA A 188 1.84 -28.67 12.14
C ALA A 188 0.34 -28.62 11.86
N GLY A 189 -0.43 -27.91 12.68
CA GLY A 189 -1.86 -27.82 12.45
C GLY A 189 -2.20 -26.95 11.26
N ALA A 190 -1.43 -25.88 11.03
CA ALA A 190 -1.65 -25.03 9.88
C ALA A 190 -1.18 -25.70 8.59
N LYS A 191 -0.07 -26.43 8.65
CA LYS A 191 0.38 -27.16 7.47
C LYS A 191 -0.65 -28.21 7.03
N ALA A 192 -1.25 -28.90 7.99
CA ALA A 192 -2.21 -29.95 7.65
C ALA A 192 -3.44 -29.36 6.96
N GLY A 193 -3.96 -28.26 7.51
CA GLY A 193 -5.12 -27.63 6.89
C GLY A 193 -4.84 -27.13 5.48
N LEU A 194 -3.71 -26.44 5.30
CA LEU A 194 -3.36 -25.96 3.96
C LEU A 194 -3.05 -27.12 3.02
N THR A 195 -2.43 -28.19 3.55
CA THR A 195 -2.16 -29.35 2.70
C THR A 195 -3.45 -30.00 2.24
N PHE A 196 -4.47 -30.04 3.10
CA PHE A 196 -5.76 -30.57 2.68
C PHE A 196 -6.36 -29.73 1.56
N LEU A 197 -6.31 -28.41 1.72
CA LEU A 197 -6.85 -27.51 0.69
C LEU A 197 -6.12 -27.70 -0.63
N VAL A 198 -4.79 -27.77 -0.60
CA VAL A 198 -4.02 -27.95 -1.82
C VAL A 198 -4.32 -29.30 -2.45
N ASP A 199 -4.64 -30.30 -1.62
CA ASP A 199 -4.99 -31.61 -2.16
C ASP A 199 -6.33 -31.58 -2.89
N LEU A 200 -7.27 -30.75 -2.43
CA LEU A 200 -8.52 -30.57 -3.17
C LEU A 200 -8.25 -30.07 -4.58
N ILE A 201 -7.32 -29.13 -4.72
CA ILE A 201 -6.99 -28.59 -6.05
C ILE A 201 -6.20 -29.61 -6.86
N LYS A 202 -5.24 -30.29 -6.22
CA LYS A 202 -4.46 -31.29 -6.95
C LYS A 202 -5.34 -32.39 -7.52
N ASN A 203 -6.33 -32.84 -6.76
CA ASN A 203 -7.26 -33.86 -7.23
C ASN A 203 -8.45 -33.28 -7.97
N LYS A 204 -8.35 -32.02 -8.40
CA LYS A 204 -9.35 -31.35 -9.25
C LYS A 204 -10.73 -31.27 -8.61
N HIS A 205 -10.81 -31.20 -7.29
CA HIS A 205 -12.06 -30.90 -6.63
C HIS A 205 -12.30 -29.40 -6.47
N MET A 206 -11.24 -28.58 -6.61
CA MET A 206 -11.35 -27.13 -6.66
C MET A 206 -10.27 -26.60 -7.57
N ASN A 207 -10.46 -25.37 -8.04
CA ASN A 207 -9.49 -24.69 -8.89
C ASN A 207 -8.79 -23.59 -8.11
N ALA A 208 -7.47 -23.52 -8.24
CA ALA A 208 -6.71 -22.49 -7.52
C ALA A 208 -7.12 -21.08 -7.90
N ASP A 209 -7.70 -20.90 -9.09
CA ASP A 209 -8.01 -19.57 -9.61
C ASP A 209 -9.31 -19.00 -9.06
N THR A 210 -10.09 -19.75 -8.29
CA THR A 210 -11.43 -19.33 -7.93
C THR A 210 -11.39 -18.14 -6.99
N ASP A 211 -12.11 -17.07 -7.34
CA ASP A 211 -12.21 -15.85 -6.54
C ASP A 211 -13.67 -15.62 -6.13
N TYR A 212 -13.93 -14.46 -5.52
CA TYR A 212 -15.26 -14.19 -4.97
C TYR A 212 -16.33 -14.21 -6.06
N SER A 213 -16.07 -13.52 -7.17
CA SER A 213 -17.10 -13.38 -8.20
C SER A 213 -17.41 -14.71 -8.87
N ILE A 214 -16.39 -15.54 -9.10
CA ILE A 214 -16.60 -16.82 -9.76
C ILE A 214 -17.39 -17.77 -8.85
N ALA A 215 -17.02 -17.82 -7.57
CA ALA A 215 -17.73 -18.69 -6.63
C ALA A 215 -19.18 -18.24 -6.44
N GLU A 216 -19.39 -16.94 -6.27
CA GLU A 216 -20.76 -16.42 -6.12
C GLU A 216 -21.60 -16.73 -7.36
N ALA A 217 -21.03 -16.55 -8.55
CA ALA A 217 -21.78 -16.83 -9.78
C ALA A 217 -22.11 -18.30 -9.89
N ALA A 218 -21.16 -19.18 -9.56
CA ALA A 218 -21.41 -20.62 -9.70
C ALA A 218 -22.46 -21.11 -8.72
N PHE A 219 -22.46 -20.58 -7.49
CA PHE A 219 -23.45 -21.03 -6.53
C PHE A 219 -24.82 -20.44 -6.83
N ASN A 220 -24.88 -19.15 -7.21
CA ASN A 220 -26.15 -18.49 -7.39
C ASN A 220 -26.83 -18.87 -8.70
N LYS A 221 -26.17 -19.66 -9.55
CA LYS A 221 -26.80 -20.20 -10.75
C LYS A 221 -27.10 -21.68 -10.62
N GLY A 222 -26.75 -22.31 -9.50
CA GLY A 222 -27.08 -23.70 -9.29
C GLY A 222 -26.04 -24.68 -9.78
N GLU A 223 -24.81 -24.24 -10.01
CA GLU A 223 -23.78 -25.10 -10.59
C GLU A 223 -23.04 -25.91 -9.54
N THR A 224 -22.77 -25.32 -8.38
CA THR A 224 -22.05 -25.98 -7.30
C THR A 224 -22.96 -26.11 -6.09
N ALA A 225 -22.69 -27.13 -5.26
CA ALA A 225 -23.57 -27.43 -4.15
C ALA A 225 -23.31 -26.54 -2.94
N MET A 226 -22.07 -26.14 -2.73
CA MET A 226 -21.69 -25.44 -1.51
C MET A 226 -20.79 -24.27 -1.83
N THR A 227 -20.89 -23.23 -0.99
CA THR A 227 -19.94 -22.15 -0.97
C THR A 227 -19.70 -21.77 0.48
N ILE A 228 -18.71 -20.91 0.70
CA ILE A 228 -18.39 -20.42 2.02
C ILE A 228 -18.39 -18.90 1.94
N ASN A 229 -19.19 -18.24 2.76
CA ASN A 229 -19.33 -16.80 2.63
C ASN A 229 -20.03 -16.25 3.86
N GLY A 230 -20.11 -14.93 3.93
CA GLY A 230 -20.72 -14.26 5.06
C GLY A 230 -22.11 -13.71 4.77
N PRO A 231 -22.68 -13.02 5.77
CA PRO A 231 -24.07 -12.56 5.64
C PRO A 231 -24.32 -11.59 4.49
N TRP A 232 -23.33 -10.81 4.09
CA TRP A 232 -23.52 -9.86 3.00
C TRP A 232 -23.88 -10.56 1.70
N ALA A 233 -23.40 -11.78 1.51
CA ALA A 233 -23.66 -12.53 0.28
C ALA A 233 -25.07 -13.07 0.18
N TRP A 234 -25.84 -13.08 1.27
CA TRP A 234 -27.18 -13.64 1.23
C TRP A 234 -28.11 -12.85 0.32
N SER A 235 -27.82 -11.56 0.10
CA SER A 235 -28.70 -10.73 -0.71
C SER A 235 -28.78 -11.24 -2.15
N ASN A 236 -27.65 -11.62 -2.72
CA ASN A 236 -27.66 -12.06 -4.11
C ASN A 236 -28.14 -13.50 -4.26
N ILE A 237 -27.90 -14.33 -3.25
CA ILE A 237 -28.50 -15.67 -3.24
C ILE A 237 -30.02 -15.57 -3.20
N ASP A 238 -30.55 -14.64 -2.40
CA ASP A 238 -32.00 -14.52 -2.23
C ASP A 238 -32.70 -14.16 -3.54
N THR A 239 -32.07 -13.31 -4.35
CA THR A 239 -32.62 -12.91 -5.65
C THR A 239 -32.19 -13.84 -6.79
N SER A 240 -31.57 -14.99 -6.49
CA SER A 240 -31.05 -15.88 -7.52
C SER A 240 -31.97 -17.03 -7.95
N LYS A 241 -32.91 -17.45 -7.11
CA LYS A 241 -33.86 -18.58 -7.25
C LYS A 241 -33.30 -19.83 -6.59
N VAL A 242 -32.10 -19.77 -6.00
CA VAL A 242 -31.52 -20.94 -5.36
C VAL A 242 -32.23 -21.20 -4.03
N ASN A 243 -32.50 -22.47 -3.75
CA ASN A 243 -33.11 -22.89 -2.49
C ASN A 243 -31.98 -23.37 -1.59
N TYR A 244 -31.58 -22.53 -0.63
CA TYR A 244 -30.33 -22.73 0.09
C TYR A 244 -30.54 -22.70 1.59
N GLY A 245 -29.56 -23.28 2.29
CA GLY A 245 -29.48 -23.17 3.72
C GLY A 245 -28.09 -22.69 4.12
N VAL A 246 -28.00 -22.22 5.36
CA VAL A 246 -26.76 -21.73 5.96
C VAL A 246 -26.51 -22.57 7.20
N THR A 247 -25.29 -23.09 7.34
CA THR A 247 -25.04 -24.06 8.41
C THR A 247 -23.62 -23.92 8.92
N VAL A 248 -23.28 -24.75 9.91
CA VAL A 248 -21.97 -24.73 10.53
C VAL A 248 -20.92 -25.27 9.56
N LEU A 249 -19.75 -24.64 9.55
CA LEU A 249 -18.65 -25.10 8.72
C LEU A 249 -18.29 -26.54 9.06
N PRO A 250 -17.79 -27.32 8.10
CA PRO A 250 -17.42 -28.70 8.40
C PRO A 250 -16.20 -28.77 9.31
N THR A 251 -16.05 -29.92 9.95
CA THR A 251 -14.89 -30.16 10.80
C THR A 251 -13.72 -30.67 9.97
N PHE A 252 -12.51 -30.52 10.52
CA PHE A 252 -11.29 -31.04 9.93
C PHE A 252 -10.52 -31.77 11.02
N LYS A 253 -10.21 -33.04 10.76
CA LYS A 253 -9.58 -33.92 11.74
C LYS A 253 -10.37 -33.92 13.06
N GLY A 254 -11.69 -33.93 12.94
CA GLY A 254 -12.58 -33.96 14.08
C GLY A 254 -12.69 -32.67 14.88
N GLN A 255 -12.06 -31.58 14.43
CA GLN A 255 -12.12 -30.32 15.15
C GLN A 255 -12.82 -29.26 14.32
N PRO A 256 -13.59 -28.36 14.96
CA PRO A 256 -14.38 -27.39 14.20
C PRO A 256 -13.50 -26.41 13.43
N SER A 257 -14.00 -26.00 12.26
CA SER A 257 -13.41 -24.86 11.59
C SER A 257 -13.61 -23.62 12.46
N LYS A 258 -12.56 -22.80 12.55
CA LYS A 258 -12.61 -21.61 13.43
C LYS A 258 -12.53 -20.35 12.57
N PRO A 259 -13.66 -19.77 12.12
CA PRO A 259 -13.62 -18.53 11.36
C PRO A 259 -13.16 -17.33 12.20
N PHE A 260 -12.37 -16.45 11.60
CA PHE A 260 -12.01 -15.21 12.34
C PHE A 260 -13.27 -14.35 12.36
N VAL A 261 -13.72 -13.92 13.53
CA VAL A 261 -15.01 -13.18 13.64
C VAL A 261 -14.75 -11.68 13.50
N GLY A 262 -15.53 -11.01 12.66
CA GLY A 262 -15.36 -9.58 12.45
C GLY A 262 -16.54 -8.79 12.99
N VAL A 263 -16.26 -7.61 13.50
CA VAL A 263 -17.28 -6.65 13.90
C VAL A 263 -17.20 -5.45 12.98
N LEU A 264 -18.18 -5.30 12.10
CA LEU A 264 -18.22 -4.13 11.23
C LEU A 264 -18.33 -2.89 12.13
N SER A 265 -17.44 -1.93 11.91
CA SER A 265 -17.28 -0.81 12.83
C SER A 265 -17.18 0.49 12.06
N ALA A 266 -17.69 1.57 12.64
CA ALA A 266 -17.69 2.89 12.02
C ALA A 266 -16.76 3.80 12.79
N GLY A 267 -15.65 4.18 12.16
CA GLY A 267 -14.67 5.09 12.75
C GLY A 267 -14.80 6.51 12.22
N ILE A 268 -14.48 7.47 13.07
CA ILE A 268 -14.55 8.89 12.73
C ILE A 268 -13.14 9.41 12.48
N ASN A 269 -12.94 10.06 11.33
CA ASN A 269 -11.64 10.59 10.95
C ASN A 269 -11.15 11.65 11.93
N ALA A 270 -9.92 11.48 12.41
CA ALA A 270 -9.35 12.43 13.37
C ALA A 270 -9.31 13.85 12.83
N ALA A 271 -9.18 14.02 11.52
CA ALA A 271 -9.12 15.34 10.91
C ALA A 271 -10.49 15.88 10.49
N SER A 272 -11.57 15.22 10.86
CA SER A 272 -12.88 15.69 10.41
C SER A 272 -13.32 16.88 11.22
N PRO A 273 -13.76 17.98 10.59
CA PRO A 273 -14.39 19.07 11.33
C PRO A 273 -15.87 18.84 11.60
N ASN A 274 -16.37 17.65 11.27
CA ASN A 274 -17.79 17.32 11.40
C ASN A 274 -18.00 16.20 12.41
N LYS A 275 -17.15 16.12 13.44
CA LYS A 275 -17.23 14.99 14.37
C LYS A 275 -18.57 14.93 15.10
N GLU A 276 -19.08 16.08 15.55
CA GLU A 276 -20.34 16.02 16.26
C GLU A 276 -21.48 15.63 15.33
N LEU A 277 -21.43 16.07 14.07
CA LEU A 277 -22.42 15.62 13.09
C LEU A 277 -22.30 14.11 12.84
N ALA A 278 -21.06 13.60 12.83
CA ALA A 278 -20.86 12.17 12.64
C ALA A 278 -21.41 11.37 13.81
N LYS A 279 -21.17 11.84 15.05
CA LYS A 279 -21.69 11.13 16.21
C LYS A 279 -23.21 11.14 16.22
N GLU A 280 -23.81 12.28 15.86
CA GLU A 280 -25.26 12.36 15.74
C GLU A 280 -25.78 11.39 14.69
N PHE A 281 -25.12 11.33 13.52
CA PHE A 281 -25.53 10.39 12.48
C PHE A 281 -25.48 8.96 12.98
N LEU A 282 -24.33 8.53 13.51
CA LEU A 282 -24.14 7.15 13.89
C LEU A 282 -25.00 6.76 15.09
N GLU A 283 -25.12 7.65 16.07
CA GLU A 283 -25.83 7.30 17.30
C GLU A 283 -27.35 7.41 17.13
N ASN A 284 -27.84 8.45 16.46
CA ASN A 284 -29.27 8.73 16.45
C ASN A 284 -29.95 8.42 15.13
N TYR A 285 -29.21 8.03 14.10
CA TYR A 285 -29.83 7.68 12.82
C TYR A 285 -29.45 6.27 12.36
N LEU A 286 -28.17 5.92 12.38
CA LEU A 286 -27.79 4.57 11.96
C LEU A 286 -28.09 3.52 13.02
N LEU A 287 -27.55 3.71 14.23
CA LEU A 287 -27.70 2.71 15.28
C LEU A 287 -29.09 2.80 15.93
N THR A 288 -30.11 2.69 15.07
CA THR A 288 -31.50 2.59 15.47
C THR A 288 -32.12 1.42 14.70
N ASP A 289 -33.28 0.96 15.19
CA ASP A 289 -34.03 -0.07 14.47
C ASP A 289 -34.24 0.33 13.02
N GLU A 290 -34.76 1.53 12.78
CA GLU A 290 -35.04 1.96 11.40
C GLU A 290 -33.77 2.11 10.60
N GLY A 291 -32.68 2.56 11.23
CA GLY A 291 -31.46 2.79 10.48
C GLY A 291 -30.79 1.49 10.05
N LEU A 292 -30.68 0.54 10.98
CA LEU A 292 -30.09 -0.76 10.65
C LEU A 292 -30.99 -1.56 9.72
N GLU A 293 -32.31 -1.45 9.88
CA GLU A 293 -33.23 -2.14 8.99
C GLU A 293 -32.99 -1.74 7.53
N ALA A 294 -32.88 -0.43 7.27
CA ALA A 294 -32.63 0.05 5.92
C ALA A 294 -31.31 -0.50 5.37
N VAL A 295 -30.27 -0.56 6.19
CA VAL A 295 -29.01 -1.14 5.74
C VAL A 295 -29.16 -2.64 5.51
N ASN A 296 -29.74 -3.33 6.50
CA ASN A 296 -29.88 -4.79 6.42
C ASN A 296 -30.71 -5.21 5.22
N LYS A 297 -31.77 -4.44 4.91
CA LYS A 297 -32.60 -4.78 3.76
C LYS A 297 -31.84 -4.65 2.44
N ASP A 298 -30.77 -3.85 2.42
CA ASP A 298 -29.92 -3.80 1.23
C ASP A 298 -29.02 -5.04 1.16
N LYS A 299 -28.14 -5.20 2.14
CA LYS A 299 -27.27 -6.37 2.26
C LYS A 299 -27.30 -6.76 3.73
N PRO A 300 -27.54 -8.02 4.05
CA PRO A 300 -27.62 -8.43 5.47
C PRO A 300 -26.31 -8.17 6.20
N LEU A 301 -26.43 -7.55 7.37
CA LEU A 301 -25.25 -7.21 8.17
C LEU A 301 -24.75 -8.36 9.01
N GLY A 302 -25.56 -9.40 9.21
CA GLY A 302 -25.26 -10.43 10.19
C GLY A 302 -25.97 -10.16 11.48
N ALA A 303 -25.36 -10.48 12.61
CA ALA A 303 -25.94 -10.15 13.91
C ALA A 303 -25.51 -8.75 14.28
N VAL A 304 -26.49 -7.86 14.43
CA VAL A 304 -26.21 -6.45 14.62
C VAL A 304 -25.91 -6.19 16.11
N ALA A 305 -25.15 -5.12 16.35
CA ALA A 305 -24.70 -4.83 17.71
C ALA A 305 -25.82 -4.26 18.59
N LEU A 306 -26.79 -3.59 17.99
CA LEU A 306 -27.89 -2.96 18.74
C LEU A 306 -28.88 -4.02 19.18
N LYS A 307 -29.08 -4.12 20.49
CA LYS A 307 -29.84 -5.24 21.05
C LYS A 307 -31.28 -5.25 20.54
N SER A 308 -31.94 -4.10 20.56
CA SER A 308 -33.35 -4.03 20.15
C SER A 308 -33.58 -4.62 18.77
N TYR A 309 -32.66 -4.40 17.82
CA TYR A 309 -32.92 -4.91 16.49
C TYR A 309 -32.37 -6.33 16.27
N GLU A 310 -31.28 -6.69 16.95
CA GLU A 310 -30.84 -8.07 16.89
C GLU A 310 -31.90 -9.01 17.41
N GLU A 311 -32.68 -8.57 18.41
CA GLU A 311 -33.77 -9.39 18.93
C GLU A 311 -34.84 -9.65 17.88
N GLU A 312 -34.93 -8.82 16.84
CA GLU A 312 -35.81 -9.10 15.72
C GLU A 312 -35.19 -10.09 14.74
N LEU A 313 -33.89 -9.92 14.45
CA LEU A 313 -33.19 -10.78 13.50
C LEU A 313 -32.93 -12.18 14.04
N ALA A 314 -32.90 -12.37 15.36
CA ALA A 314 -32.41 -13.60 15.95
C ALA A 314 -33.20 -14.84 15.51
N LYS A 315 -34.45 -14.69 15.08
CA LYS A 315 -35.22 -15.86 14.66
C LYS A 315 -34.84 -16.34 13.26
N ASP A 316 -33.98 -15.63 12.56
CA ASP A 316 -33.56 -16.05 11.23
C ASP A 316 -32.57 -17.20 11.36
N PRO A 317 -32.88 -18.38 10.82
CA PRO A 317 -31.93 -19.50 10.92
C PRO A 317 -30.55 -19.19 10.37
N ARG A 318 -30.45 -18.29 9.39
CA ARG A 318 -29.13 -17.93 8.87
C ARG A 318 -28.35 -17.15 9.90
N ILE A 319 -29.03 -16.35 10.72
CA ILE A 319 -28.37 -15.67 11.83
C ILE A 319 -27.93 -16.67 12.88
N ALA A 320 -28.78 -17.67 13.15
CA ALA A 320 -28.41 -18.72 14.11
C ALA A 320 -27.12 -19.42 13.69
N ALA A 321 -27.03 -19.80 12.41
CA ALA A 321 -25.83 -20.47 11.93
C ALA A 321 -24.62 -19.56 12.00
N THR A 322 -24.78 -18.29 11.60
CA THR A 322 -23.69 -17.32 11.75
C THR A 322 -23.16 -17.30 13.17
N MET A 323 -24.07 -17.32 14.16
CA MET A 323 -23.66 -17.24 15.55
C MET A 323 -22.99 -18.52 16.04
N GLU A 324 -23.51 -19.68 15.60
CA GLU A 324 -22.83 -20.94 15.91
C GLU A 324 -21.39 -20.94 15.40
N ASN A 325 -21.17 -20.48 14.17
CA ASN A 325 -19.81 -20.45 13.65
C ASN A 325 -18.96 -19.42 14.39
N ALA A 326 -19.56 -18.29 14.78
CA ALA A 326 -18.81 -17.30 15.53
C ALA A 326 -18.34 -17.85 16.87
N GLN A 327 -19.18 -18.67 17.52
CA GLN A 327 -18.81 -19.24 18.81
C GLN A 327 -17.59 -20.14 18.69
N LYS A 328 -17.51 -20.91 17.60
CA LYS A 328 -16.40 -21.82 17.40
C LYS A 328 -15.17 -21.13 16.84
N GLY A 329 -15.33 -19.99 16.21
CA GLY A 329 -14.21 -19.19 15.75
C GLY A 329 -13.68 -18.31 16.86
N GLU A 330 -13.04 -17.22 16.46
CA GLU A 330 -12.43 -16.34 17.45
C GLU A 330 -12.43 -14.91 16.93
N ILE A 331 -12.66 -13.97 17.83
CA ILE A 331 -12.61 -12.56 17.47
C ILE A 331 -11.23 -12.22 16.92
N MET A 332 -11.21 -11.49 15.82
CA MET A 332 -9.93 -11.02 15.31
C MET A 332 -9.28 -10.08 16.32
N PRO A 333 -7.92 -10.09 16.47
CA PRO A 333 -7.26 -9.06 17.26
C PRO A 333 -7.36 -7.76 16.44
N ASN A 334 -7.27 -6.60 17.09
CA ASN A 334 -7.24 -5.34 16.32
C ASN A 334 -5.84 -4.75 16.37
N ILE A 335 -4.87 -5.52 16.88
CA ILE A 335 -3.48 -4.99 17.07
C ILE A 335 -2.85 -4.51 15.74
N PRO A 336 -1.92 -3.50 15.68
CA PRO A 336 -1.44 -3.00 14.38
C PRO A 336 -0.79 -4.07 13.52
N GLN A 337 -0.28 -5.14 14.12
CA GLN A 337 0.37 -6.21 13.37
C GLN A 337 -0.60 -7.04 12.55
N MET A 338 -1.91 -6.81 12.66
CA MET A 338 -2.87 -7.69 11.97
C MET A 338 -2.73 -7.62 10.45
N SER A 339 -2.49 -6.43 9.91
CA SER A 339 -2.46 -6.30 8.46
C SER A 339 -1.22 -6.96 7.87
N ALA A 340 -0.10 -6.94 8.60
CA ALA A 340 1.07 -7.70 8.15
C ALA A 340 0.80 -9.19 8.17
N PHE A 341 0.06 -9.67 9.18
CA PHE A 341 -0.33 -11.07 9.22
C PHE A 341 -1.17 -11.44 8.00
N TRP A 342 -2.21 -10.65 7.71
CA TRP A 342 -3.08 -10.96 6.58
C TRP A 342 -2.32 -10.95 5.25
N TYR A 343 -1.38 -10.02 5.10
CA TYR A 343 -0.59 -9.94 3.88
C TYR A 343 0.28 -11.18 3.71
N ALA A 344 0.89 -11.64 4.81
CA ALA A 344 1.75 -12.82 4.74
C ALA A 344 0.96 -14.08 4.44
N VAL A 345 -0.22 -14.23 5.02
CA VAL A 345 -1.02 -15.44 4.80
C VAL A 345 -1.61 -15.43 3.39
N ARG A 346 -2.05 -14.27 2.92
CA ARG A 346 -2.55 -14.17 1.54
C ARG A 346 -1.54 -14.72 0.54
N THR A 347 -0.30 -14.24 0.62
CA THR A 347 0.74 -14.70 -0.30
C THR A 347 0.98 -16.21 -0.14
N ALA A 348 1.06 -16.69 1.10
CA ALA A 348 1.32 -18.10 1.33
C ALA A 348 0.24 -18.98 0.70
N VAL A 349 -1.02 -18.66 0.95
CA VAL A 349 -2.12 -19.48 0.46
C VAL A 349 -2.13 -19.49 -1.07
N ILE A 350 -1.99 -18.31 -1.70
CA ILE A 350 -2.08 -18.25 -3.16
C ILE A 350 -0.94 -19.01 -3.81
N ASN A 351 0.27 -18.92 -3.25
CA ASN A 351 1.40 -19.61 -3.86
C ASN A 351 1.34 -21.11 -3.64
N ALA A 352 0.79 -21.56 -2.50
CA ALA A 352 0.66 -22.98 -2.25
C ALA A 352 -0.46 -23.59 -3.10
N ALA A 353 -1.57 -22.87 -3.26
CA ALA A 353 -2.68 -23.37 -4.06
C ALA A 353 -2.33 -23.46 -5.54
N SER A 354 -1.49 -22.56 -6.03
CA SER A 354 -1.12 -22.53 -7.45
C SER A 354 0.00 -23.49 -7.81
N GLY A 355 0.64 -24.10 -6.81
CA GLY A 355 1.81 -24.93 -7.05
C GLY A 355 3.12 -24.20 -7.22
N ARG A 356 3.12 -22.87 -7.08
CA ARG A 356 4.37 -22.12 -7.18
C ARG A 356 5.32 -22.47 -6.05
N GLN A 357 4.78 -22.87 -4.91
CA GLN A 357 5.55 -23.28 -3.74
C GLN A 357 4.86 -24.47 -3.10
N THR A 358 5.63 -25.31 -2.41
CA THR A 358 5.00 -26.31 -1.58
C THR A 358 4.37 -25.65 -0.35
N VAL A 359 3.51 -26.41 0.33
CA VAL A 359 2.87 -25.91 1.55
C VAL A 359 3.92 -25.53 2.58
N ASP A 360 4.91 -26.41 2.79
CA ASP A 360 5.93 -26.12 3.79
C ASP A 360 6.79 -24.93 3.39
N GLU A 361 7.09 -24.79 2.09
CA GLU A 361 7.79 -23.60 1.62
C GLU A 361 6.97 -22.34 1.91
N ALA A 362 5.70 -22.34 1.51
CA ALA A 362 4.88 -21.13 1.59
C ALA A 362 4.71 -20.68 3.05
N LEU A 363 4.44 -21.61 3.95
CA LEU A 363 4.13 -21.22 5.33
C LEU A 363 5.37 -20.84 6.13
N LYS A 364 6.52 -21.44 5.83
CA LYS A 364 7.75 -20.97 6.45
C LYS A 364 8.07 -19.55 6.01
N ASP A 365 7.79 -19.22 4.75
CA ASP A 365 7.95 -17.84 4.28
C ASP A 365 6.98 -16.89 4.98
N ALA A 366 5.71 -17.31 5.13
CA ALA A 366 4.72 -16.48 5.79
C ALA A 366 5.12 -16.21 7.24
N GLN A 367 5.53 -17.26 7.95
CA GLN A 367 5.97 -17.11 9.33
C GLN A 367 7.15 -16.12 9.43
N THR A 368 8.12 -16.27 8.53
CA THR A 368 9.29 -15.40 8.56
C THR A 368 8.93 -13.97 8.23
N ASN A 369 8.24 -13.76 7.10
CA ASN A 369 7.91 -12.40 6.66
C ASN A 369 7.05 -11.66 7.68
N ALA A 370 6.12 -12.38 8.31
CA ALA A 370 5.22 -11.76 9.30
C ALA A 370 6.04 -11.39 10.54
N ALA A 371 6.85 -12.32 11.04
CA ALA A 371 7.59 -12.10 12.31
C ALA A 371 8.52 -10.89 12.17
N ALA A 372 9.14 -10.72 11.01
CA ALA A 372 10.05 -9.58 10.78
C ALA A 372 9.28 -8.27 10.91
N GLU A 373 8.07 -8.19 10.34
CA GLU A 373 7.23 -6.98 10.47
C GLU A 373 6.83 -6.78 11.94
N PHE A 374 6.53 -7.87 12.64
CA PHE A 374 6.06 -7.78 14.06
C PHE A 374 7.23 -7.34 14.95
N ASN A 378 8.49 -3.09 18.37
CA ASN A 378 9.02 -2.06 19.27
C ASN A 378 7.90 -1.45 20.11
N ILE A 379 7.33 -2.28 20.97
CA ILE A 379 6.13 -1.96 21.75
C ILE A 379 6.53 -1.83 23.22
N PHE A 380 5.83 -0.94 23.94
CA PHE A 380 6.15 -0.63 25.32
C PHE A 380 4.93 -0.79 26.22
N CYS A 381 5.17 -1.11 27.49
CA CYS A 381 4.09 -1.46 28.41
C CYS A 381 3.27 -0.24 28.79
N SER A 382 1.96 -0.42 28.86
CA SER A 382 1.03 0.69 29.09
C SER A 382 0.96 1.14 30.54
N ASN A 383 1.52 0.36 31.47
CA ASN A 383 1.50 0.76 32.88
C ASN A 383 2.16 2.11 33.04
N PRO A 384 1.45 3.13 33.53
CA PRO A 384 2.06 4.46 33.65
C PRO A 384 3.13 4.54 34.72
N ASN A 385 3.15 3.61 35.67
CA ASN A 385 4.13 3.68 36.75
C ASN A 385 5.52 3.26 36.32
N HIS A 386 5.69 2.74 35.09
CA HIS A 386 7.02 2.49 34.57
C HIS A 386 7.71 3.81 34.28
N ARG A 387 8.80 4.08 35.01
CA ARG A 387 9.52 5.34 34.80
C ARG A 387 10.16 5.41 33.43
N THR A 388 10.55 4.26 32.85
CA THR A 388 11.15 4.21 31.53
C THR A 388 10.37 3.25 30.65
N PRO A 389 10.37 3.49 29.33
CA PRO A 389 9.61 2.62 28.42
C PRO A 389 10.05 1.16 28.52
N THR A 390 9.12 0.30 28.91
CA THR A 390 9.41 -1.09 29.23
C THR A 390 8.92 -1.98 28.10
N LEU A 391 9.85 -2.70 27.47
CA LEU A 391 9.56 -3.41 26.23
C LEU A 391 8.67 -4.63 26.50
N THR A 392 7.88 -5.00 25.48
CA THR A 392 7.06 -6.19 25.57
C THR A 392 6.59 -6.59 24.17
N SER A 393 6.11 -7.83 24.08
CA SER A 393 5.41 -8.31 22.90
C SER A 393 4.04 -8.89 23.24
N ILE A 394 3.47 -8.50 24.38
CA ILE A 394 2.20 -9.02 24.85
C ILE A 394 1.15 -7.91 24.86
N TYR A 395 -0.04 -8.22 24.36
CA TYR A 395 -1.19 -7.34 24.39
C TYR A 395 -2.31 -7.99 25.18
N CYS A 396 -3.03 -7.20 25.98
CA CYS A 396 -4.28 -7.68 26.53
C CYS A 396 -5.35 -7.71 25.45
N ARG A 397 -6.12 -8.80 25.38
CA ARG A 397 -7.12 -8.91 24.33
C ARG A 397 -8.30 -7.96 24.55
N GLY A 398 -8.71 -7.79 25.82
CA GLY A 398 -9.92 -7.01 26.09
C GLY A 398 -9.78 -5.55 25.72
N CYS A 399 -8.67 -4.93 26.14
CA CYS A 399 -8.45 -3.50 25.91
C CYS A 399 -7.38 -3.20 24.89
N SER A 400 -6.76 -4.21 24.30
CA SER A 400 -5.68 -4.02 23.32
C SER A 400 -4.64 -3.04 23.84
N LYS A 401 -4.15 -3.32 25.04
CA LYS A 401 -3.07 -2.58 25.70
C LYS A 401 -1.83 -3.45 25.77
N PRO A 402 -0.66 -2.90 25.46
CA PRO A 402 0.58 -3.64 25.69
C PRO A 402 0.87 -3.80 27.17
N LEU A 403 1.36 -4.97 27.54
CA LEU A 403 1.75 -5.27 28.92
C LEU A 403 3.07 -6.01 28.91
N CYS A 404 4.02 -5.58 29.75
CA CYS A 404 5.25 -6.35 29.90
C CYS A 404 4.97 -7.68 30.59
N CYS A 405 5.94 -8.60 30.44
CA CYS A 405 5.83 -9.91 31.09
C CYS A 405 5.60 -9.79 32.59
N SER A 406 6.19 -8.78 33.23
CA SER A 406 6.04 -8.64 34.67
C SER A 406 4.60 -8.28 35.05
N CYS A 407 4.05 -7.23 34.43
CA CYS A 407 2.66 -6.88 34.73
C CYS A 407 1.69 -7.95 34.28
N ALA A 408 2.01 -8.69 33.21
CA ALA A 408 1.10 -9.73 32.74
C ALA A 408 0.94 -10.86 33.74
N LEU A 409 1.99 -11.18 34.50
CA LEU A 409 1.92 -12.25 35.48
C LEU A 409 1.61 -11.75 36.89
N LEU A 410 2.27 -10.69 37.33
CA LEU A 410 2.17 -10.28 38.73
C LEU A 410 0.92 -9.49 39.02
N ASP A 411 0.56 -8.55 38.13
CA ASP A 411 -0.57 -7.67 38.38
C ASP A 411 -1.89 -8.40 38.19
N SER A 412 -2.84 -8.15 39.09
CA SER A 412 -4.15 -8.76 38.97
C SER A 412 -5.01 -8.12 37.89
N SER A 413 -4.71 -6.88 37.52
CA SER A 413 -5.47 -6.19 36.47
C SER A 413 -5.35 -6.96 35.15
N HIS A 414 -6.31 -6.68 34.26
CA HIS A 414 -6.37 -7.32 32.95
C HIS A 414 -6.54 -8.84 33.07
N SER A 415 -7.41 -9.27 33.98
CA SER A 415 -7.71 -10.68 34.10
C SER A 415 -8.43 -11.16 32.84
N GLU A 416 -8.32 -12.47 32.57
CA GLU A 416 -8.93 -13.03 31.37
C GLU A 416 -10.43 -12.76 31.35
N LEU A 417 -11.08 -12.84 32.51
CA LEU A 417 -12.51 -12.53 32.59
C LEU A 417 -12.76 -11.06 32.32
N LYS A 418 -12.25 -10.18 33.19
CA LYS A 418 -12.54 -8.75 33.12
C LYS A 418 -11.31 -7.95 33.50
N CYS A 419 -11.20 -6.75 32.92
CA CYS A 419 -10.11 -5.85 33.26
C CYS A 419 -10.51 -4.87 34.35
N ILE B 4 1.04 -15.13 -15.26
CA ILE B 4 1.75 -14.46 -16.35
C ILE B 4 1.71 -15.33 -17.60
N GLU B 5 1.29 -14.73 -18.71
CA GLU B 5 1.00 -15.49 -19.92
C GLU B 5 2.28 -15.84 -20.68
N GLU B 6 2.44 -17.12 -21.00
CA GLU B 6 3.57 -17.57 -21.77
C GLU B 6 3.47 -17.11 -23.22
N GLY B 7 4.59 -16.68 -23.79
CA GLY B 7 4.64 -16.42 -25.22
C GLY B 7 4.18 -15.05 -25.63
N LYS B 8 4.14 -14.10 -24.71
CA LYS B 8 3.89 -12.71 -25.03
C LYS B 8 4.59 -11.86 -23.99
N LEU B 9 4.50 -10.53 -24.15
CA LEU B 9 5.07 -9.59 -23.20
C LEU B 9 4.02 -8.60 -22.75
N VAL B 10 3.92 -8.40 -21.43
CA VAL B 10 3.13 -7.33 -20.85
C VAL B 10 4.09 -6.38 -20.14
N ILE B 11 3.92 -5.09 -20.37
CA ILE B 11 4.85 -4.06 -19.91
C ILE B 11 4.07 -3.02 -19.12
N TRP B 12 4.59 -2.66 -17.96
CA TRP B 12 4.05 -1.58 -17.13
C TRP B 12 5.00 -0.39 -17.15
N ILE B 13 4.46 0.80 -17.39
CA ILE B 13 5.25 2.03 -17.37
C ILE B 13 4.35 3.14 -16.87
N ASN B 14 4.94 4.17 -16.26
CA ASN B 14 4.14 5.22 -15.65
C ASN B 14 3.38 6.01 -16.70
N GLY B 15 2.25 6.59 -16.28
CA GLY B 15 1.38 7.29 -17.21
C GLY B 15 1.95 8.58 -17.75
N ASP B 16 2.98 9.14 -17.11
CA ASP B 16 3.59 10.37 -17.59
C ASP B 16 4.74 10.13 -18.55
N LYS B 17 5.02 8.87 -18.89
CA LYS B 17 6.08 8.51 -19.82
C LYS B 17 5.50 8.29 -21.21
N GLY B 18 6.38 8.02 -22.17
CA GLY B 18 5.96 7.80 -23.54
C GLY B 18 5.51 6.38 -23.80
N TYR B 19 4.34 6.00 -23.27
CA TYR B 19 3.89 4.62 -23.46
C TYR B 19 3.43 4.35 -24.88
N ASN B 20 2.96 5.37 -25.60
CA ASN B 20 2.59 5.17 -27.00
C ASN B 20 3.82 4.86 -27.86
N GLY B 21 4.94 5.51 -27.57
CA GLY B 21 6.15 5.24 -28.34
C GLY B 21 6.75 3.89 -28.03
N LEU B 22 6.73 3.50 -26.74
CA LEU B 22 7.15 2.16 -26.37
C LEU B 22 6.28 1.11 -27.06
N ALA B 23 4.98 1.39 -27.21
CA ALA B 23 4.09 0.47 -27.88
C ALA B 23 4.45 0.32 -29.35
N GLU B 24 4.98 1.38 -29.97
CA GLU B 24 5.47 1.28 -31.33
C GLU B 24 6.70 0.38 -31.40
N VAL B 25 7.54 0.40 -30.38
CA VAL B 25 8.67 -0.53 -30.31
C VAL B 25 8.15 -1.96 -30.16
N GLY B 26 7.08 -2.13 -29.40
CA GLY B 26 6.48 -3.45 -29.26
C GLY B 26 5.87 -3.98 -30.55
N LYS B 27 5.48 -3.08 -31.45
CA LYS B 27 4.93 -3.53 -32.73
C LYS B 27 6.04 -3.95 -33.70
N LYS B 28 7.20 -3.29 -33.63
CA LYS B 28 8.35 -3.77 -34.41
C LYS B 28 8.80 -5.13 -33.90
N PHE B 29 8.80 -5.31 -32.59
CA PHE B 29 9.11 -6.61 -32.01
C PHE B 29 8.16 -7.69 -32.52
N GLU B 30 6.85 -7.41 -32.48
CA GLU B 30 5.87 -8.41 -32.93
C GLU B 30 6.04 -8.71 -34.41
N LYS B 31 6.34 -7.69 -35.22
CA LYS B 31 6.50 -7.91 -36.65
C LYS B 31 7.71 -8.78 -36.96
N ASP B 32 8.72 -8.76 -36.08
CA ASP B 32 9.95 -9.49 -36.33
C ASP B 32 9.95 -10.89 -35.72
N THR B 33 9.32 -11.07 -34.56
CA THR B 33 9.32 -12.34 -33.87
C THR B 33 7.97 -13.05 -33.86
N GLY B 34 6.87 -12.33 -34.08
CA GLY B 34 5.55 -12.88 -33.87
C GLY B 34 5.05 -12.81 -32.44
N ILE B 35 5.80 -12.18 -31.54
CA ILE B 35 5.44 -12.11 -30.12
C ILE B 35 4.70 -10.80 -29.86
N LYS B 36 3.48 -10.92 -29.34
CA LYS B 36 2.66 -9.76 -29.04
C LYS B 36 3.16 -9.04 -27.79
N VAL B 37 3.23 -7.71 -27.87
CA VAL B 37 3.68 -6.86 -26.76
C VAL B 37 2.53 -5.94 -26.38
N THR B 38 2.13 -5.98 -25.11
CA THR B 38 1.07 -5.14 -24.57
C THR B 38 1.66 -4.18 -23.55
N VAL B 39 1.53 -2.87 -23.81
CA VAL B 39 2.03 -1.83 -22.91
C VAL B 39 0.85 -1.26 -22.15
N GLU B 40 0.97 -1.20 -20.82
CA GLU B 40 -0.06 -0.64 -19.96
C GLU B 40 0.54 0.36 -19.00
N HIS B 41 -0.29 1.29 -18.52
CA HIS B 41 0.14 2.32 -17.58
C HIS B 41 -0.80 2.39 -16.39
N PRO B 42 -0.76 1.39 -15.51
CA PRO B 42 -1.68 1.37 -14.37
C PRO B 42 -1.38 2.50 -13.38
N ASP B 43 -2.41 2.91 -12.66
CA ASP B 43 -2.24 3.88 -11.58
C ASP B 43 -1.50 3.25 -10.40
N LYS B 44 -0.69 4.06 -9.72
CA LYS B 44 0.10 3.62 -8.58
C LYS B 44 0.82 2.31 -8.86
N LEU B 45 1.40 2.20 -10.06
CA LEU B 45 1.99 0.92 -10.46
C LEU B 45 3.18 0.55 -9.58
N GLU B 46 3.86 1.54 -9.01
CA GLU B 46 5.03 1.25 -8.18
C GLU B 46 4.64 0.63 -6.83
N GLU B 47 3.40 0.81 -6.39
CA GLU B 47 2.90 0.10 -5.22
C GLU B 47 2.11 -1.15 -5.59
N LYS B 48 1.52 -1.17 -6.78
CA LYS B 48 0.80 -2.35 -7.24
C LYS B 48 1.75 -3.49 -7.61
N PHE B 49 2.89 -3.16 -8.23
CA PHE B 49 3.81 -4.22 -8.65
C PHE B 49 4.26 -5.12 -7.51
N PRO B 50 4.80 -4.61 -6.39
CA PRO B 50 5.15 -5.54 -5.30
C PRO B 50 3.98 -6.37 -4.82
N GLN B 51 2.75 -5.86 -4.96
CA GLN B 51 1.58 -6.58 -4.47
C GLN B 51 1.26 -7.78 -5.34
N VAL B 52 1.19 -7.59 -6.66
CA VAL B 52 0.82 -8.69 -7.54
C VAL B 52 2.01 -9.61 -7.82
N ALA B 53 3.24 -9.09 -7.82
CA ALA B 53 4.40 -9.91 -8.13
C ALA B 53 4.70 -10.93 -7.03
N ALA B 54 4.32 -10.64 -5.79
CA ALA B 54 4.60 -11.56 -4.69
C ALA B 54 3.93 -12.91 -4.88
N THR B 55 2.83 -12.97 -5.63
CA THR B 55 2.18 -14.23 -5.97
C THR B 55 2.45 -14.66 -7.40
N GLY B 56 3.38 -14.02 -8.09
CA GLY B 56 3.73 -14.39 -9.44
C GLY B 56 2.87 -13.80 -10.53
N ASP B 57 2.10 -12.75 -10.24
CA ASP B 57 1.33 -12.05 -11.25
C ASP B 57 2.06 -10.79 -11.70
N GLY B 58 1.39 -9.97 -12.49
CA GLY B 58 1.94 -8.70 -12.91
C GLY B 58 2.58 -8.77 -14.27
N PRO B 59 3.30 -7.72 -14.64
CA PRO B 59 3.89 -7.67 -15.98
C PRO B 59 5.16 -8.48 -16.06
N ASP B 60 5.55 -8.79 -17.30
CA ASP B 60 6.88 -9.32 -17.55
C ASP B 60 7.96 -8.27 -17.26
N ILE B 61 7.67 -7.01 -17.57
CA ILE B 61 8.63 -5.91 -17.48
C ILE B 61 7.98 -4.73 -16.79
N ILE B 62 8.69 -4.13 -15.84
CA ILE B 62 8.22 -2.92 -15.16
C ILE B 62 9.25 -1.81 -15.34
N PHE B 63 8.78 -0.62 -15.68
CA PHE B 63 9.58 0.59 -15.75
C PHE B 63 9.31 1.46 -14.54
N TRP B 64 10.37 1.89 -13.86
CA TRP B 64 10.29 2.95 -12.87
C TRP B 64 11.69 3.52 -12.68
N ALA B 65 11.75 4.70 -12.05
CA ALA B 65 13.03 5.18 -11.55
C ALA B 65 13.67 4.11 -10.68
N HIS B 66 15.01 4.15 -10.59
CA HIS B 66 15.75 3.05 -9.98
C HIS B 66 15.56 2.95 -8.47
N ASP B 67 15.08 4.01 -7.81
CA ASP B 67 15.08 4.04 -6.35
C ASP B 67 14.18 2.96 -5.74
N ARG B 68 13.14 2.53 -6.45
CA ARG B 68 12.24 1.53 -5.89
C ARG B 68 12.67 0.09 -6.19
N PHE B 69 13.68 -0.10 -7.05
CA PHE B 69 14.01 -1.46 -7.50
C PHE B 69 14.79 -2.24 -6.45
N GLY B 70 15.51 -1.55 -5.58
CA GLY B 70 16.18 -2.25 -4.49
C GLY B 70 15.19 -2.97 -3.59
N GLY B 71 14.11 -2.28 -3.21
CA GLY B 71 13.10 -2.94 -2.39
C GLY B 71 12.45 -4.12 -3.10
N TYR B 72 12.20 -3.98 -4.42
CA TYR B 72 11.64 -5.09 -5.17
C TYR B 72 12.61 -6.28 -5.16
N ALA B 73 13.89 -6.01 -5.40
CA ALA B 73 14.88 -7.07 -5.48
C ALA B 73 15.06 -7.75 -4.13
N GLN B 74 15.10 -6.96 -3.05
CA GLN B 74 15.21 -7.52 -1.70
C GLN B 74 14.10 -8.52 -1.43
N SER B 75 12.89 -8.23 -1.91
CA SER B 75 11.75 -9.13 -1.77
C SER B 75 11.73 -10.23 -2.82
N GLY B 76 12.73 -10.27 -3.71
CA GLY B 76 12.85 -11.36 -4.67
C GLY B 76 11.93 -11.25 -5.88
N LEU B 77 11.52 -10.04 -6.24
CA LEU B 77 10.55 -9.86 -7.31
C LEU B 77 11.18 -9.62 -8.67
N LEU B 78 12.50 -9.47 -8.73
CA LEU B 78 13.19 -9.06 -9.95
C LEU B 78 14.23 -10.10 -10.32
N ALA B 79 14.27 -10.47 -11.59
CA ALA B 79 15.29 -11.38 -12.07
C ALA B 79 16.61 -10.64 -12.22
N GLU B 80 17.71 -11.35 -11.96
CA GLU B 80 19.01 -10.80 -12.25
C GLU B 80 19.24 -10.81 -13.76
N ILE B 81 19.75 -9.71 -14.30
CA ILE B 81 19.97 -9.60 -15.74
C ILE B 81 21.43 -9.89 -16.05
N THR B 82 21.67 -10.37 -17.26
CA THR B 82 22.98 -10.91 -17.65
C THR B 82 23.45 -10.34 -19.00
N PRO B 83 23.63 -9.02 -19.09
CA PRO B 83 24.19 -8.45 -20.33
C PRO B 83 25.69 -8.72 -20.38
N ASP B 84 26.17 -9.21 -21.52
CA ASP B 84 27.61 -9.42 -21.65
C ASP B 84 28.32 -8.07 -21.68
N LYS B 85 29.65 -8.13 -21.56
CA LYS B 85 30.39 -6.89 -21.37
C LYS B 85 30.34 -5.99 -22.60
N ALA B 86 30.15 -6.58 -23.78
CA ALA B 86 29.99 -5.76 -24.99
C ALA B 86 28.75 -4.88 -24.90
N PHE B 87 27.64 -5.41 -24.37
CA PHE B 87 26.44 -4.61 -24.26
C PHE B 87 26.55 -3.57 -23.15
N GLN B 88 27.24 -3.90 -22.06
CA GLN B 88 27.40 -2.93 -20.99
C GLN B 88 28.20 -1.72 -21.45
N ASP B 89 29.20 -1.94 -22.31
CA ASP B 89 29.97 -0.84 -22.87
C ASP B 89 29.12 0.10 -23.73
N LYS B 90 27.88 -0.27 -24.02
CA LYS B 90 27.00 0.58 -24.81
C LYS B 90 26.32 1.64 -23.96
N LEU B 91 26.26 1.46 -22.64
CA LEU B 91 25.62 2.39 -21.74
C LEU B 91 26.65 3.07 -20.86
N TYR B 92 26.31 4.27 -20.41
CA TYR B 92 27.22 5.02 -19.55
C TYR B 92 27.41 4.27 -18.23
N PRO B 93 28.64 4.19 -17.70
CA PRO B 93 28.85 3.48 -16.44
C PRO B 93 28.02 4.04 -15.30
N PHE B 94 27.78 5.34 -15.33
CA PHE B 94 26.93 6.00 -14.33
C PHE B 94 25.57 5.33 -14.21
N THR B 95 24.96 4.99 -15.35
CA THR B 95 23.63 4.41 -15.31
C THR B 95 23.64 2.98 -14.77
N TRP B 96 24.67 2.19 -15.09
CA TRP B 96 24.75 0.84 -14.53
C TRP B 96 24.86 0.86 -13.01
N ASP B 97 25.53 1.87 -12.45
CA ASP B 97 25.66 1.94 -11.00
C ASP B 97 24.30 2.07 -10.32
N ALA B 98 23.37 2.81 -10.94
CA ALA B 98 22.05 3.00 -10.34
C ALA B 98 21.25 1.71 -10.24
N VAL B 99 21.50 0.75 -11.11
CA VAL B 99 20.72 -0.48 -11.16
C VAL B 99 21.45 -1.66 -10.52
N ARG B 100 22.49 -1.39 -9.74
CA ARG B 100 23.20 -2.44 -9.01
C ARG B 100 22.66 -2.51 -7.58
N TYR B 101 22.16 -3.68 -7.18
CA TYR B 101 21.68 -3.91 -5.82
C TYR B 101 22.29 -5.20 -5.29
N ASN B 102 22.89 -5.11 -4.11
CA ASN B 102 23.57 -6.24 -3.48
C ASN B 102 24.61 -6.84 -4.43
N GLY B 103 25.25 -5.96 -5.22
CA GLY B 103 26.28 -6.37 -6.14
C GLY B 103 25.79 -6.91 -7.47
N LYS B 104 24.49 -7.13 -7.62
CA LYS B 104 23.92 -7.71 -8.82
C LYS B 104 23.21 -6.63 -9.63
N LEU B 105 23.26 -6.77 -10.96
CA LEU B 105 22.47 -5.91 -11.83
C LEU B 105 21.03 -6.43 -11.86
N ILE B 106 20.08 -5.55 -11.59
CA ILE B 106 18.69 -5.97 -11.42
C ILE B 106 17.74 -5.24 -12.37
N ALA B 107 18.28 -4.52 -13.35
CA ALA B 107 17.44 -3.77 -14.29
C ALA B 107 18.33 -3.18 -15.38
N TYR B 108 17.70 -2.91 -16.54
CA TYR B 108 18.36 -2.18 -17.61
C TYR B 108 18.15 -0.69 -17.41
N PRO B 109 19.21 0.11 -17.29
CA PRO B 109 19.02 1.56 -17.25
C PRO B 109 18.58 2.09 -18.61
N ILE B 110 17.64 3.04 -18.58
CA ILE B 110 17.06 3.60 -19.79
C ILE B 110 17.43 5.08 -19.95
N ALA B 111 17.26 5.88 -18.90
CA ALA B 111 17.42 7.32 -19.06
C ALA B 111 17.65 7.98 -17.72
N VAL B 112 18.35 9.11 -17.74
CA VAL B 112 18.64 9.90 -16.56
C VAL B 112 17.70 11.09 -16.51
N GLU B 113 17.00 11.26 -15.38
CA GLU B 113 16.03 12.33 -15.19
C GLU B 113 16.47 13.21 -14.04
N ALA B 114 16.28 14.51 -14.19
CA ALA B 114 16.44 15.45 -13.09
C ALA B 114 15.51 16.63 -13.29
N LEU B 115 15.00 17.16 -12.18
CA LEU B 115 14.18 18.36 -12.23
C LEU B 115 15.00 19.56 -12.67
N SER B 116 14.34 20.47 -13.40
CA SER B 116 14.93 21.74 -13.79
C SER B 116 13.91 22.84 -13.58
N LEU B 117 14.39 24.07 -13.64
CA LEU B 117 13.52 25.24 -13.67
C LEU B 117 13.11 25.51 -15.12
N ILE B 118 11.80 25.52 -15.37
CA ILE B 118 11.24 25.82 -16.67
C ILE B 118 10.56 27.19 -16.58
N TYR B 119 10.82 28.06 -17.56
CA TYR B 119 10.36 29.43 -17.49
C TYR B 119 9.82 29.89 -18.84
N ASN B 120 8.91 30.87 -18.79
CA ASN B 120 8.30 31.44 -19.97
C ASN B 120 9.14 32.63 -20.43
N LYS B 121 9.76 32.51 -21.61
CA LYS B 121 10.67 33.55 -22.07
C LYS B 121 9.95 34.87 -22.33
N ASP B 122 8.68 34.82 -22.73
CA ASP B 122 7.96 36.05 -23.01
C ASP B 122 7.60 36.80 -21.73
N LEU B 123 7.26 36.08 -20.67
CA LEU B 123 6.98 36.74 -19.40
C LEU B 123 8.25 37.06 -18.62
N LEU B 124 9.24 36.17 -18.70
CA LEU B 124 10.43 36.23 -17.85
C LEU B 124 11.65 36.03 -18.73
N PRO B 125 12.18 37.10 -19.33
CA PRO B 125 13.37 36.94 -20.18
C PRO B 125 14.60 36.47 -19.41
N ASN B 126 14.79 37.00 -18.20
CA ASN B 126 15.89 36.61 -17.33
C ASN B 126 15.36 35.90 -16.08
N PRO B 127 15.43 34.58 -16.01
CA PRO B 127 14.84 33.88 -14.87
C PRO B 127 15.64 34.12 -13.60
N PRO B 128 14.98 34.08 -12.43
CA PRO B 128 15.69 34.35 -11.18
C PRO B 128 16.75 33.30 -10.88
N LYS B 129 17.86 33.76 -10.29
CA LYS B 129 18.95 32.88 -9.91
C LYS B 129 18.77 32.31 -8.51
N THR B 130 17.95 32.94 -7.67
CA THR B 130 17.82 32.58 -6.28
C THR B 130 16.34 32.42 -5.92
N TRP B 131 16.08 31.52 -4.97
CA TRP B 131 14.73 31.40 -4.43
C TRP B 131 14.29 32.68 -3.74
N GLU B 132 15.24 33.40 -3.13
CA GLU B 132 14.90 34.57 -2.32
C GLU B 132 14.26 35.69 -3.12
N GLU B 133 14.57 35.82 -4.42
CA GLU B 133 13.99 36.92 -5.19
C GLU B 133 12.60 36.60 -5.73
N ILE B 134 12.13 35.36 -5.62
CA ILE B 134 10.83 34.98 -6.20
C ILE B 134 9.67 35.76 -5.57
N PRO B 135 9.62 35.99 -4.26
CA PRO B 135 8.51 36.82 -3.71
C PRO B 135 8.35 38.16 -4.40
N ALA B 136 9.42 38.94 -4.52
CA ALA B 136 9.31 40.23 -5.21
C ALA B 136 8.98 40.03 -6.68
N LEU B 137 9.46 38.95 -7.29
CA LEU B 137 9.13 38.67 -8.67
C LEU B 137 7.64 38.36 -8.83
N ASP B 138 7.08 37.58 -7.91
CA ASP B 138 5.66 37.29 -7.99
C ASP B 138 4.84 38.54 -7.77
N LYS B 139 5.29 39.43 -6.88
CA LYS B 139 4.57 40.66 -6.62
C LYS B 139 4.53 41.54 -7.86
N GLU B 140 5.62 41.60 -8.61
CA GLU B 140 5.64 42.41 -9.81
C GLU B 140 4.85 41.77 -10.95
N LEU B 141 4.78 40.43 -10.98
CA LEU B 141 4.06 39.76 -12.06
C LEU B 141 2.56 39.71 -11.82
N LYS B 142 2.13 39.68 -10.55
CA LYS B 142 0.71 39.76 -10.26
C LYS B 142 0.14 41.13 -10.64
N ALA B 143 0.95 42.18 -10.56
CA ALA B 143 0.58 43.49 -11.07
C ALA B 143 0.43 43.50 -12.59
N LYS B 144 0.61 42.34 -13.25
CA LYS B 144 0.35 42.20 -14.67
C LYS B 144 -0.63 41.07 -14.95
N GLY B 145 -1.29 40.54 -13.92
CA GLY B 145 -2.23 39.44 -14.10
C GLY B 145 -1.59 38.08 -14.26
N LYS B 146 -0.32 37.92 -13.89
CA LYS B 146 0.39 36.65 -13.99
C LYS B 146 0.80 36.20 -12.59
N SER B 147 1.48 35.05 -12.54
CA SER B 147 2.08 34.52 -11.32
C SER B 147 3.53 34.15 -11.61
N ALA B 148 4.34 34.07 -10.55
CA ALA B 148 5.75 33.74 -10.72
C ALA B 148 5.98 32.25 -10.91
N LEU B 149 5.42 31.42 -10.04
CA LEU B 149 5.88 30.03 -9.93
C LEU B 149 4.75 29.12 -9.48
N MET B 150 4.58 28.01 -10.20
CA MET B 150 3.61 26.98 -9.84
C MET B 150 4.22 25.63 -10.15
N PHE B 151 4.35 24.78 -9.13
CA PHE B 151 4.80 23.41 -9.35
C PHE B 151 4.10 22.50 -8.35
N ASN B 152 4.23 21.20 -8.60
CA ASN B 152 3.57 20.18 -7.81
C ASN B 152 4.03 20.21 -6.35
N LEU B 153 3.13 20.54 -5.44
CA LEU B 153 3.45 20.53 -4.02
C LEU B 153 3.01 19.25 -3.32
N GLN B 154 2.42 18.31 -4.05
CA GLN B 154 1.86 17.11 -3.47
C GLN B 154 2.83 15.93 -3.46
N GLU B 155 3.92 16.01 -4.21
CA GLU B 155 4.88 14.91 -4.28
C GLU B 155 6.23 15.43 -3.82
N PRO B 156 6.86 14.80 -2.83
CA PRO B 156 8.09 15.36 -2.25
C PRO B 156 9.26 15.42 -3.22
N TYR B 157 9.22 14.62 -4.29
CA TYR B 157 10.23 14.70 -5.34
C TYR B 157 10.45 16.13 -5.82
N PHE B 158 9.37 16.91 -5.91
CA PHE B 158 9.42 18.27 -6.44
C PHE B 158 9.91 19.29 -5.42
N THR B 159 9.64 19.06 -4.13
CA THR B 159 10.03 20.00 -3.09
C THR B 159 11.37 19.67 -2.46
N TRP B 160 11.81 18.42 -2.58
CA TRP B 160 13.10 18.02 -2.00
C TRP B 160 14.31 18.84 -2.46
N PRO B 161 14.42 19.31 -3.71
CA PRO B 161 15.62 20.09 -4.08
C PRO B 161 15.84 21.30 -3.18
N LEU B 162 14.76 21.99 -2.81
CA LEU B 162 14.86 23.13 -1.92
C LEU B 162 15.16 22.69 -0.49
N ILE B 163 14.48 21.65 -0.02
CA ILE B 163 14.71 21.15 1.33
C ILE B 163 16.15 20.68 1.49
N ALA B 164 16.71 20.07 0.43
CA ALA B 164 18.08 19.58 0.48
C ALA B 164 19.13 20.68 0.34
N ALA B 165 18.76 21.80 -0.29
CA ALA B 165 19.74 22.82 -0.66
C ALA B 165 20.63 23.24 0.50
N ASP B 166 20.04 23.51 1.66
CA ASP B 166 20.78 24.03 2.80
C ASP B 166 21.14 22.95 3.82
N GLY B 167 21.09 21.67 3.44
CA GLY B 167 21.63 20.65 4.31
C GLY B 167 20.71 19.50 4.70
N GLY B 168 19.51 19.44 4.14
CA GLY B 168 18.68 18.26 4.33
C GLY B 168 19.18 17.10 3.49
N TYR B 169 19.11 15.90 4.05
CA TYR B 169 19.51 14.71 3.31
C TYR B 169 18.63 13.54 3.72
N ALA B 170 18.59 12.52 2.86
CA ALA B 170 17.86 11.30 3.18
C ALA B 170 18.64 10.45 4.16
N PHE B 171 19.76 9.89 3.70
CA PHE B 171 20.70 9.16 4.54
C PHE B 171 22.07 9.78 4.37
N LYS B 172 22.84 9.83 5.46
CA LYS B 172 24.13 10.50 5.41
C LYS B 172 25.07 9.74 4.49
N TYR B 173 25.51 10.40 3.43
CA TYR B 173 26.49 9.84 2.53
C TYR B 173 27.86 10.29 3.00
N GLU B 174 28.80 9.36 3.08
CA GLU B 174 30.10 9.68 3.65
C GLU B 174 31.22 9.23 2.70
N ASN B 175 31.82 8.08 2.94
CA ASN B 175 32.95 7.61 2.15
C ASN B 175 32.45 6.57 1.15
N GLY B 176 31.59 7.04 0.25
CA GLY B 176 30.98 6.10 -0.68
C GLY B 176 29.91 5.24 -0.06
N LYS B 177 29.47 5.58 1.15
CA LYS B 177 28.55 4.74 1.91
C LYS B 177 27.44 5.60 2.52
N TYR B 178 26.25 5.01 2.60
CA TYR B 178 25.14 5.59 3.35
C TYR B 178 25.11 5.03 4.77
N ASP B 179 24.53 5.80 5.68
CA ASP B 179 24.30 5.35 7.05
C ASP B 179 22.83 5.62 7.37
N ILE B 180 22.00 4.58 7.32
CA ILE B 180 20.56 4.76 7.49
C ILE B 180 20.17 5.11 8.91
N LYS B 181 21.10 5.01 9.87
CA LYS B 181 20.84 5.48 11.23
C LYS B 181 20.90 6.99 11.33
N ASP B 182 21.48 7.66 10.34
CA ASP B 182 21.72 9.10 10.35
C ASP B 182 20.81 9.72 9.29
N VAL B 183 19.63 10.16 9.72
CA VAL B 183 18.61 10.72 8.83
C VAL B 183 18.60 12.23 8.99
N GLY B 184 18.53 12.95 7.87
CA GLY B 184 18.64 14.39 7.89
C GLY B 184 17.38 15.13 7.49
N VAL B 185 16.23 14.66 7.98
CA VAL B 185 14.95 15.22 7.52
C VAL B 185 14.47 16.34 8.43
N ASP B 186 14.88 16.35 9.70
CA ASP B 186 14.48 17.39 10.64
C ASP B 186 15.65 18.24 11.10
N ASN B 187 16.75 18.30 10.34
CA ASN B 187 17.87 19.15 10.75
C ASN B 187 17.58 20.60 10.40
N ALA B 188 18.54 21.49 10.71
CA ALA B 188 18.33 22.91 10.53
C ALA B 188 18.27 23.31 9.05
N GLY B 189 19.00 22.61 8.18
CA GLY B 189 18.96 22.94 6.77
C GLY B 189 17.66 22.54 6.11
N ALA B 190 17.07 21.43 6.55
CA ALA B 190 15.78 21.00 6.01
C ALA B 190 14.64 21.87 6.56
N LYS B 191 14.73 22.28 7.82
CA LYS B 191 13.72 23.18 8.37
C LYS B 191 13.71 24.52 7.64
N ALA B 192 14.89 25.05 7.32
CA ALA B 192 14.96 26.36 6.66
C ALA B 192 14.33 26.29 5.26
N GLY B 193 14.66 25.25 4.51
CA GLY B 193 14.08 25.09 3.18
C GLY B 193 12.57 24.93 3.20
N LEU B 194 12.06 24.08 4.10
CA LEU B 194 10.62 23.91 4.20
C LEU B 194 9.95 25.18 4.74
N THR B 195 10.62 25.89 5.65
CA THR B 195 10.06 27.14 6.16
C THR B 195 9.95 28.17 5.04
N PHE B 196 10.93 28.21 4.14
CA PHE B 196 10.84 29.14 3.02
C PHE B 196 9.66 28.81 2.13
N LEU B 197 9.47 27.52 1.82
CA LEU B 197 8.34 27.10 0.99
C LEU B 197 7.02 27.47 1.65
N VAL B 198 6.88 27.18 2.95
CA VAL B 198 5.63 27.50 3.65
C VAL B 198 5.40 28.99 3.68
N ASP B 199 6.47 29.78 3.70
CA ASP B 199 6.32 31.24 3.68
C ASP B 199 5.83 31.73 2.32
N LEU B 200 6.21 31.05 1.23
CA LEU B 200 5.65 31.39 -0.08
C LEU B 200 4.12 31.23 -0.06
N ILE B 201 3.62 30.16 0.57
CA ILE B 201 2.18 29.95 0.62
C ILE B 201 1.52 30.93 1.58
N LYS B 202 2.14 31.17 2.74
CA LYS B 202 1.58 32.10 3.72
C LYS B 202 1.43 33.50 3.12
N ASN B 203 2.43 33.95 2.35
CA ASN B 203 2.37 35.26 1.72
C ASN B 203 1.68 35.21 0.35
N LYS B 204 0.93 34.14 0.07
CA LYS B 204 0.09 34.00 -1.12
C LYS B 204 0.88 34.07 -2.42
N HIS B 205 2.15 33.67 -2.41
CA HIS B 205 2.89 33.49 -3.64
C HIS B 205 2.72 32.09 -4.24
N MET B 206 2.25 31.12 -3.45
CA MET B 206 1.86 29.81 -3.93
C MET B 206 0.70 29.30 -3.11
N ASN B 207 -0.02 28.32 -3.65
CA ASN B 207 -1.14 27.67 -2.99
C ASN B 207 -0.76 26.26 -2.58
N ALA B 208 -1.08 25.90 -1.35
CA ALA B 208 -0.75 24.57 -0.85
C ALA B 208 -1.41 23.47 -1.67
N ASP B 209 -2.51 23.78 -2.36
CA ASP B 209 -3.31 22.79 -3.07
C ASP B 209 -2.75 22.41 -4.44
N THR B 210 -1.72 23.10 -4.92
CA THR B 210 -1.28 22.94 -6.29
C THR B 210 -0.66 21.57 -6.52
N ASP B 211 -1.15 20.85 -7.53
CA ASP B 211 -0.64 19.53 -7.90
C ASP B 211 -0.10 19.57 -9.34
N TYR B 212 0.24 18.39 -9.86
CA TYR B 212 0.89 18.31 -11.17
C TYR B 212 -0.02 18.86 -12.27
N SER B 213 -1.29 18.47 -12.27
CA SER B 213 -2.17 18.87 -13.37
C SER B 213 -2.43 20.37 -13.36
N ILE B 214 -2.58 20.96 -12.16
CA ILE B 214 -2.87 22.38 -12.08
C ILE B 214 -1.66 23.20 -12.51
N ALA B 215 -0.46 22.81 -12.05
CA ALA B 215 0.76 23.53 -12.44
C ALA B 215 1.05 23.39 -13.92
N GLU B 216 0.91 22.19 -14.47
CA GLU B 216 1.11 22.00 -15.91
C GLU B 216 0.13 22.83 -16.73
N ALA B 217 -1.14 22.85 -16.32
CA ALA B 217 -2.14 23.63 -17.07
C ALA B 217 -1.85 25.12 -16.99
N ALA B 218 -1.46 25.62 -15.80
CA ALA B 218 -1.22 27.05 -15.66
C ALA B 218 0.01 27.49 -16.46
N PHE B 219 1.06 26.67 -16.50
CA PHE B 219 2.23 27.06 -17.27
C PHE B 219 2.00 26.93 -18.76
N ASN B 220 1.35 25.85 -19.19
CA ASN B 220 1.18 25.59 -20.62
C ASN B 220 0.11 26.46 -21.25
N LYS B 221 -0.60 27.26 -20.47
CA LYS B 221 -1.53 28.25 -21.00
C LYS B 221 -1.00 29.67 -20.89
N GLY B 222 0.18 29.86 -20.30
CA GLY B 222 0.77 31.18 -20.20
C GLY B 222 0.37 31.97 -18.98
N GLU B 223 -0.14 31.31 -17.94
CA GLU B 223 -0.64 31.99 -16.75
C GLU B 223 0.45 32.28 -15.73
N THR B 224 1.38 31.35 -15.54
CA THR B 224 2.48 31.51 -14.59
C THR B 224 3.81 31.52 -15.34
N ALA B 225 4.79 32.20 -14.76
CA ALA B 225 6.06 32.39 -15.45
C ALA B 225 6.98 31.18 -15.34
N MET B 226 6.90 30.42 -14.24
CA MET B 226 7.85 29.36 -13.99
C MET B 226 7.14 28.13 -13.47
N THR B 227 7.72 26.98 -13.79
CA THR B 227 7.34 25.72 -13.18
C THR B 227 8.62 24.93 -12.95
N ILE B 228 8.48 23.83 -12.21
CA ILE B 228 9.58 22.92 -11.94
C ILE B 228 9.12 21.53 -12.34
N ASN B 229 9.87 20.88 -13.23
CA ASN B 229 9.41 19.61 -13.76
C ASN B 229 10.57 18.94 -14.49
N GLY B 230 10.33 17.70 -14.92
CA GLY B 230 11.33 16.92 -15.62
C GLY B 230 11.13 16.82 -17.12
N PRO B 231 11.99 16.05 -17.78
CA PRO B 231 11.96 15.98 -19.25
C PRO B 231 10.66 15.44 -19.84
N TRP B 232 9.94 14.58 -19.11
CA TRP B 232 8.69 14.04 -19.64
C TRP B 232 7.66 15.14 -19.90
N ALA B 233 7.71 16.22 -19.13
CA ALA B 233 6.75 17.30 -19.25
C ALA B 233 6.98 18.18 -20.47
N TRP B 234 8.14 18.06 -21.13
CA TRP B 234 8.43 18.93 -22.26
C TRP B 234 7.51 18.68 -23.44
N SER B 235 6.94 17.47 -23.52
CA SER B 235 6.09 17.14 -24.66
C SER B 235 4.85 18.02 -24.71
N ASN B 236 4.22 18.25 -23.55
CA ASN B 236 3.00 19.05 -23.55
C ASN B 236 3.28 20.54 -23.63
N ILE B 237 4.42 20.98 -23.09
CA ILE B 237 4.87 22.35 -23.32
C ILE B 237 5.14 22.58 -24.80
N ASP B 238 5.75 21.61 -25.47
CA ASP B 238 6.09 21.76 -26.87
C ASP B 238 4.85 21.85 -27.75
N THR B 239 3.79 21.12 -27.43
CA THR B 239 2.56 21.19 -28.22
C THR B 239 1.65 22.33 -27.78
N SER B 240 2.09 23.15 -26.83
CA SER B 240 1.41 24.37 -26.46
C SER B 240 2.08 25.51 -27.21
N LYS B 241 1.56 26.72 -27.03
CA LYS B 241 2.11 27.88 -27.71
C LYS B 241 3.16 28.61 -26.89
N VAL B 242 3.53 28.07 -25.72
CA VAL B 242 4.46 28.75 -24.83
C VAL B 242 5.88 28.72 -25.39
N ASN B 243 6.57 29.86 -25.30
CA ASN B 243 7.96 30.00 -25.70
C ASN B 243 8.79 29.92 -24.42
N TYR B 244 9.45 28.78 -24.20
CA TYR B 244 10.01 28.47 -22.89
C TYR B 244 11.48 28.08 -22.98
N GLY B 245 12.15 28.19 -21.83
CA GLY B 245 13.49 27.68 -21.67
C GLY B 245 13.57 26.80 -20.43
N VAL B 246 14.61 25.97 -20.40
CA VAL B 246 14.85 25.07 -19.23
C VAL B 246 16.22 25.48 -18.69
N THR B 247 16.32 25.78 -17.39
CA THR B 247 17.58 26.33 -16.82
C THR B 247 17.87 25.68 -15.46
N VAL B 248 19.06 25.90 -14.90
CA VAL B 248 19.45 25.35 -13.58
C VAL B 248 18.49 25.89 -12.51
N LEU B 249 18.15 25.06 -11.53
CA LEU B 249 17.23 25.46 -10.45
C LEU B 249 17.79 26.68 -9.66
N PRO B 250 16.99 27.56 -8.99
CA PRO B 250 17.57 28.68 -8.25
C PRO B 250 18.27 28.19 -6.99
N THR B 251 19.15 29.05 -6.47
CA THR B 251 19.85 28.78 -5.24
C THR B 251 19.00 29.18 -4.03
N PHE B 252 19.33 28.59 -2.88
CA PHE B 252 18.71 28.94 -1.61
C PHE B 252 19.82 29.15 -0.60
N LYS B 253 19.84 30.33 0.02
CA LYS B 253 20.91 30.72 0.92
C LYS B 253 22.28 30.54 0.28
N GLY B 254 22.37 30.90 -1.01
CA GLY B 254 23.61 30.80 -1.76
C GLY B 254 24.05 29.40 -2.15
N GLN B 255 23.25 28.37 -1.87
CA GLN B 255 23.64 27.02 -2.21
C GLN B 255 22.69 26.43 -3.24
N PRO B 256 23.20 25.62 -4.17
CA PRO B 256 22.34 25.11 -5.26
C PRO B 256 21.25 24.19 -4.74
N SER B 257 20.10 24.26 -5.41
CA SER B 257 19.09 23.22 -5.20
C SER B 257 19.66 21.89 -5.66
N LYS B 258 19.36 20.83 -4.91
CA LYS B 258 19.93 19.50 -5.13
C LYS B 258 18.81 18.51 -5.43
N PRO B 259 18.38 18.38 -6.68
CA PRO B 259 17.34 17.41 -7.00
C PRO B 259 17.83 15.99 -6.82
N PHE B 260 16.91 15.11 -6.45
CA PHE B 260 17.19 13.68 -6.47
C PHE B 260 17.17 13.21 -7.92
N VAL B 261 18.28 12.63 -8.38
CA VAL B 261 18.43 12.23 -9.77
C VAL B 261 17.96 10.79 -9.93
N GLY B 262 17.10 10.56 -10.92
CA GLY B 262 16.53 9.25 -11.17
C GLY B 262 17.03 8.66 -12.48
N VAL B 263 17.19 7.34 -12.50
CA VAL B 263 17.49 6.59 -13.72
C VAL B 263 16.30 5.69 -14.01
N LEU B 264 15.55 6.03 -15.07
CA LEU B 264 14.44 5.18 -15.47
C LEU B 264 15.01 3.82 -15.87
N SER B 265 14.44 2.76 -15.31
CA SER B 265 15.02 1.42 -15.41
C SER B 265 13.94 0.40 -15.72
N ALA B 266 14.31 -0.64 -16.46
CA ALA B 266 13.38 -1.70 -16.86
C ALA B 266 13.77 -2.99 -16.14
N GLY B 267 12.91 -3.44 -15.24
CA GLY B 267 13.11 -4.66 -14.50
C GLY B 267 12.27 -5.81 -15.06
N ILE B 268 12.82 -7.02 -14.95
CA ILE B 268 12.17 -8.23 -15.43
C ILE B 268 11.59 -8.99 -14.23
N ASN B 269 10.30 -9.33 -14.31
CA ASN B 269 9.62 -10.03 -13.24
C ASN B 269 10.23 -11.41 -12.98
N ALA B 270 10.56 -11.68 -11.71
CA ALA B 270 11.16 -12.96 -11.35
C ALA B 270 10.28 -14.14 -11.73
N ALA B 271 8.97 -13.97 -11.74
CA ALA B 271 8.04 -15.05 -12.09
C ALA B 271 7.71 -15.10 -13.57
N SER B 272 8.41 -14.32 -14.40
CA SER B 272 8.06 -14.31 -15.82
C SER B 272 8.63 -15.55 -16.51
N PRO B 273 7.81 -16.29 -17.25
CA PRO B 273 8.34 -17.35 -18.11
C PRO B 273 8.85 -16.86 -19.45
N ASN B 274 8.91 -15.53 -19.64
CA ASN B 274 9.33 -14.92 -20.89
C ASN B 274 10.61 -14.11 -20.72
N LYS B 275 11.50 -14.53 -19.81
CA LYS B 275 12.68 -13.72 -19.50
C LYS B 275 13.57 -13.53 -20.72
N GLU B 276 13.79 -14.59 -21.50
CA GLU B 276 14.67 -14.44 -22.66
C GLU B 276 14.02 -13.54 -23.71
N LEU B 277 12.70 -13.61 -23.86
CA LEU B 277 12.02 -12.66 -24.75
C LEU B 277 12.14 -11.23 -24.24
N ALA B 278 12.06 -11.05 -22.91
CA ALA B 278 12.19 -9.72 -22.34
C ALA B 278 13.59 -9.15 -22.57
N LYS B 279 14.62 -9.98 -22.38
CA LYS B 279 15.98 -9.52 -22.59
C LYS B 279 16.21 -9.16 -24.05
N GLU B 280 15.67 -9.97 -24.96
CA GLU B 280 15.77 -9.66 -26.39
C GLU B 280 15.07 -8.34 -26.72
N PHE B 281 13.88 -8.12 -26.17
CA PHE B 281 13.17 -6.86 -26.39
C PHE B 281 13.99 -5.68 -25.90
N LEU B 282 14.42 -5.72 -24.64
CA LEU B 282 15.09 -4.57 -24.04
C LEU B 282 16.47 -4.33 -24.66
N GLU B 283 17.21 -5.39 -24.95
CA GLU B 283 18.58 -5.21 -25.44
C GLU B 283 18.62 -4.90 -26.94
N ASN B 284 17.79 -5.57 -27.75
CA ASN B 284 17.93 -5.48 -29.20
C ASN B 284 16.84 -4.67 -29.88
N TYR B 285 15.82 -4.21 -29.13
CA TYR B 285 14.77 -3.40 -29.72
C TYR B 285 14.60 -2.07 -29.02
N LEU B 286 14.53 -2.04 -27.69
CA LEU B 286 14.38 -0.78 -26.98
C LEU B 286 15.70 -0.01 -26.91
N LEU B 287 16.74 -0.62 -26.36
CA LEU B 287 18.01 0.08 -26.15
C LEU B 287 18.81 0.16 -27.45
N THR B 288 18.17 0.73 -28.46
CA THR B 288 18.77 1.06 -29.74
C THR B 288 18.43 2.50 -30.07
N ASP B 289 19.18 3.07 -31.01
CA ASP B 289 18.84 4.40 -31.50
C ASP B 289 17.38 4.48 -31.93
N GLU B 290 16.95 3.52 -32.75
CA GLU B 290 15.58 3.55 -33.28
C GLU B 290 14.56 3.37 -32.16
N GLY B 291 14.86 2.51 -31.19
CA GLY B 291 13.89 2.23 -30.14
C GLY B 291 13.72 3.40 -29.18
N LEU B 292 14.84 3.98 -28.73
CA LEU B 292 14.76 5.13 -27.83
C LEU B 292 14.19 6.35 -28.53
N GLU B 293 14.51 6.52 -29.82
CA GLU B 293 13.95 7.62 -30.59
C GLU B 293 12.43 7.57 -30.57
N ALA B 294 11.85 6.39 -30.84
CA ALA B 294 10.41 6.25 -30.84
C ALA B 294 9.81 6.59 -29.47
N VAL B 295 10.47 6.17 -28.38
CA VAL B 295 9.99 6.53 -27.05
C VAL B 295 10.17 8.03 -26.82
N ASN B 296 11.38 8.54 -27.11
CA ASN B 296 11.69 9.94 -26.86
C ASN B 296 10.76 10.87 -27.62
N LYS B 297 10.43 10.51 -28.87
CA LYS B 297 9.52 11.34 -29.67
C LYS B 297 8.11 11.37 -29.09
N ASP B 298 7.73 10.39 -28.28
CA ASP B 298 6.46 10.46 -27.58
C ASP B 298 6.57 11.41 -26.38
N LYS B 299 7.42 11.07 -25.41
CA LYS B 299 7.69 11.92 -24.26
C LYS B 299 9.21 11.90 -24.07
N PRO B 300 9.85 13.07 -23.93
CA PRO B 300 11.31 13.09 -23.78
C PRO B 300 11.77 12.33 -22.55
N LEU B 301 12.75 11.45 -22.74
CA LEU B 301 13.26 10.63 -21.64
C LEU B 301 14.28 11.35 -20.77
N GLY B 302 14.84 12.45 -21.25
CA GLY B 302 16.00 13.05 -20.59
C GLY B 302 17.28 12.62 -21.27
N ALA B 303 18.35 12.45 -20.50
CA ALA B 303 19.60 11.94 -21.07
C ALA B 303 19.55 10.42 -21.04
N VAL B 304 19.61 9.80 -22.21
CA VAL B 304 19.43 8.36 -22.28
C VAL B 304 20.72 7.66 -21.91
N ALA B 305 20.58 6.41 -21.44
CA ALA B 305 21.74 5.64 -21.02
C ALA B 305 22.57 5.16 -22.21
N LEU B 306 21.95 4.98 -23.37
CA LEU B 306 22.65 4.45 -24.54
C LEU B 306 23.52 5.54 -25.16
N LYS B 307 24.83 5.30 -25.22
CA LYS B 307 25.77 6.36 -25.58
C LYS B 307 25.54 6.87 -26.99
N SER B 308 25.37 5.96 -27.96
CA SER B 308 25.18 6.36 -29.34
C SER B 308 24.04 7.36 -29.51
N TYR B 309 22.94 7.18 -28.78
CA TYR B 309 21.81 8.08 -28.99
C TYR B 309 21.86 9.31 -28.11
N GLU B 310 22.44 9.21 -26.91
CA GLU B 310 22.64 10.41 -26.11
C GLU B 310 23.52 11.41 -26.82
N GLU B 311 24.48 10.93 -27.62
CA GLU B 311 25.34 11.80 -28.41
C GLU B 311 24.54 12.62 -29.42
N GLU B 312 23.35 12.15 -29.80
CA GLU B 312 22.46 12.94 -30.65
C GLU B 312 21.66 13.95 -29.85
N LEU B 313 21.17 13.54 -28.67
CA LEU B 313 20.37 14.44 -27.83
C LEU B 313 21.20 15.54 -27.17
N ALA B 314 22.52 15.34 -27.01
CA ALA B 314 23.33 16.19 -26.16
C ALA B 314 23.33 17.66 -26.60
N LYS B 315 23.05 17.94 -27.88
CA LYS B 315 23.01 19.31 -28.35
C LYS B 315 21.73 20.04 -27.99
N ASP B 316 20.77 19.36 -27.38
CA ASP B 316 19.53 19.99 -26.95
C ASP B 316 19.80 20.80 -25.69
N PRO B 317 19.60 22.12 -25.70
CA PRO B 317 19.85 22.91 -24.48
C PRO B 317 19.05 22.44 -23.28
N ARG B 318 17.87 21.86 -23.50
CA ARG B 318 17.09 21.36 -22.38
C ARG B 318 17.77 20.15 -21.74
N ILE B 319 18.46 19.34 -22.55
CA ILE B 319 19.26 18.24 -21.99
C ILE B 319 20.46 18.80 -21.23
N ALA B 320 21.09 19.84 -21.76
CA ALA B 320 22.22 20.47 -21.08
C ALA B 320 21.80 20.92 -19.68
N ALA B 321 20.66 21.60 -19.57
CA ALA B 321 20.18 22.07 -18.28
C ALA B 321 19.83 20.90 -17.35
N THR B 322 19.16 19.88 -17.88
CA THR B 322 18.89 18.67 -17.11
C THR B 322 20.17 18.11 -16.50
N MET B 323 21.24 18.07 -17.28
CA MET B 323 22.51 17.50 -16.82
C MET B 323 23.18 18.39 -15.80
N GLU B 324 23.14 19.71 -16.02
CA GLU B 324 23.65 20.66 -15.02
C GLU B 324 22.95 20.48 -13.67
N ASN B 325 21.62 20.34 -13.67
CA ASN B 325 20.92 20.13 -12.41
C ASN B 325 21.26 18.78 -11.81
N ALA B 326 21.42 17.75 -12.64
CA ALA B 326 21.77 16.43 -12.14
C ALA B 326 23.12 16.45 -11.45
N GLN B 327 24.06 17.24 -11.99
CA GLN B 327 25.40 17.33 -11.40
C GLN B 327 25.33 17.91 -10.00
N LYS B 328 24.47 18.91 -9.80
CA LYS B 328 24.34 19.55 -8.50
C LYS B 328 23.48 18.76 -7.53
N GLY B 329 22.61 17.89 -8.03
CA GLY B 329 21.82 17.03 -7.18
C GLY B 329 22.59 15.78 -6.83
N GLU B 330 21.86 14.71 -6.53
CA GLU B 330 22.50 13.48 -6.11
C GLU B 330 21.67 12.30 -6.59
N ILE B 331 22.35 11.23 -6.98
CA ILE B 331 21.68 10.00 -7.36
C ILE B 331 20.86 9.48 -6.18
N MET B 332 19.61 9.08 -6.45
CA MET B 332 18.82 8.48 -5.38
C MET B 332 19.47 7.17 -4.93
N PRO B 333 19.45 6.88 -3.64
CA PRO B 333 19.70 5.51 -3.18
C PRO B 333 18.61 4.58 -3.72
N ASN B 334 18.94 3.30 -3.78
CA ASN B 334 17.95 2.30 -4.14
C ASN B 334 17.73 1.30 -3.00
N ILE B 335 18.19 1.62 -1.80
CA ILE B 335 18.08 0.71 -0.68
C ILE B 335 16.61 0.56 -0.31
N PRO B 336 16.21 -0.56 0.33
CA PRO B 336 14.77 -0.78 0.55
C PRO B 336 14.09 0.29 1.38
N GLN B 337 14.84 1.02 2.20
CA GLN B 337 14.28 2.06 3.05
C GLN B 337 13.81 3.30 2.29
N MET B 338 14.05 3.37 0.98
CA MET B 338 13.75 4.59 0.25
C MET B 338 12.24 4.90 0.24
N SER B 339 11.40 3.86 0.12
CA SER B 339 9.97 4.13 0.00
C SER B 339 9.38 4.60 1.33
N ALA B 340 9.90 4.11 2.46
CA ALA B 340 9.48 4.65 3.75
C ALA B 340 9.91 6.10 3.90
N PHE B 341 11.11 6.44 3.41
CA PHE B 341 11.56 7.83 3.42
C PHE B 341 10.62 8.72 2.63
N TRP B 342 10.29 8.32 1.39
CA TRP B 342 9.42 9.14 0.53
C TRP B 342 8.05 9.32 1.15
N TYR B 343 7.51 8.27 1.78
CA TYR B 343 6.20 8.34 2.41
C TYR B 343 6.21 9.33 3.57
N ALA B 344 7.28 9.32 4.37
CA ALA B 344 7.38 10.22 5.51
C ALA B 344 7.51 11.68 5.07
N VAL B 345 8.30 11.94 4.03
CA VAL B 345 8.49 13.31 3.59
C VAL B 345 7.22 13.85 2.92
N ARG B 346 6.55 13.01 2.13
CA ARG B 346 5.29 13.41 1.51
C ARG B 346 4.31 13.94 2.56
N THR B 347 4.09 13.18 3.63
CA THR B 347 3.17 13.60 4.68
C THR B 347 3.65 14.90 5.33
N ALA B 348 4.94 14.99 5.64
CA ALA B 348 5.48 16.17 6.32
C ALA B 348 5.24 17.44 5.48
N VAL B 349 5.59 17.38 4.20
CA VAL B 349 5.48 18.55 3.34
C VAL B 349 4.03 18.98 3.19
N ILE B 350 3.12 18.01 2.95
CA ILE B 350 1.72 18.37 2.73
C ILE B 350 1.12 18.98 4.00
N ASN B 351 1.47 18.44 5.17
CA ASN B 351 0.89 18.96 6.41
C ASN B 351 1.47 20.33 6.78
N ALA B 352 2.74 20.56 6.45
CA ALA B 352 3.34 21.86 6.72
C ALA B 352 2.83 22.91 5.74
N ALA B 353 2.67 22.54 4.47
CA ALA B 353 2.17 23.48 3.47
C ALA B 353 0.72 23.86 3.72
N SER B 354 -0.09 22.94 4.25
CA SER B 354 -1.51 23.22 4.47
C SER B 354 -1.78 23.94 5.78
N GLY B 355 -0.77 24.11 6.64
CA GLY B 355 -0.99 24.69 7.95
C GLY B 355 -1.51 23.74 9.00
N ARG B 356 -1.70 22.46 8.66
CA ARG B 356 -2.17 21.49 9.65
C ARG B 356 -1.14 21.29 10.76
N GLN B 357 0.14 21.46 10.44
CA GLN B 357 1.24 21.33 11.38
C GLN B 357 2.25 22.42 11.10
N THR B 358 3.01 22.81 12.12
CA THR B 358 4.16 23.68 11.87
C THR B 358 5.25 22.86 11.17
N VAL B 359 6.22 23.60 10.61
CA VAL B 359 7.35 22.96 9.96
C VAL B 359 8.11 22.08 10.95
N ASP B 360 8.36 22.59 12.15
CA ASP B 360 9.10 21.80 13.13
C ASP B 360 8.31 20.58 13.59
N GLU B 361 6.99 20.73 13.75
CA GLU B 361 6.14 19.58 14.04
C GLU B 361 6.24 18.53 12.92
N ALA B 362 6.04 18.96 11.67
CA ALA B 362 5.95 18.02 10.56
C ALA B 362 7.25 17.24 10.38
N LEU B 363 8.38 17.94 10.47
CA LEU B 363 9.70 17.29 10.19
C LEU B 363 10.10 16.38 11.35
N LYS B 364 9.75 16.74 12.58
CA LYS B 364 10.02 15.83 13.72
C LYS B 364 9.24 14.53 13.48
N ASP B 365 7.98 14.66 13.04
CA ASP B 365 7.18 13.47 12.77
C ASP B 365 7.77 12.66 11.62
N ALA B 366 8.22 13.34 10.57
CA ALA B 366 8.83 12.65 9.44
C ALA B 366 10.10 11.91 9.88
N GLN B 367 10.98 12.59 10.60
CA GLN B 367 12.21 11.97 11.08
C GLN B 367 11.92 10.75 11.94
N THR B 368 10.96 10.89 12.87
CA THR B 368 10.64 9.78 13.77
C THR B 368 10.01 8.62 13.00
N ASN B 369 8.95 8.90 12.23
CA ASN B 369 8.25 7.83 11.52
C ASN B 369 9.16 7.12 10.53
N ALA B 370 10.10 7.84 9.92
CA ALA B 370 11.04 7.22 8.99
C ALA B 370 12.05 6.36 9.74
N ALA B 371 12.77 6.96 10.71
CA ALA B 371 13.82 6.26 11.43
C ALA B 371 13.31 4.96 12.05
N ALA B 372 12.03 4.92 12.42
CA ALA B 372 11.45 3.70 12.98
C ALA B 372 11.45 2.58 11.94
N GLU B 373 11.09 2.89 10.70
CA GLU B 373 11.03 1.89 9.64
C GLU B 373 12.41 1.28 9.37
N PHE B 374 13.46 2.08 9.51
CA PHE B 374 14.81 1.64 9.20
C PHE B 374 15.35 0.67 10.26
N ASN B 378 17.15 -4.07 10.30
CA ASN B 378 17.72 -5.37 10.69
C ASN B 378 18.51 -5.98 9.53
N ILE B 379 19.62 -5.32 9.20
CA ILE B 379 20.43 -5.62 8.03
C ILE B 379 21.76 -6.23 8.49
N PHE B 380 22.33 -7.10 7.65
CA PHE B 380 23.54 -7.84 8.00
C PHE B 380 24.62 -7.64 6.93
N CYS B 381 25.89 -7.74 7.36
CA CYS B 381 27.01 -7.39 6.50
C CYS B 381 27.20 -8.44 5.40
N SER B 382 27.51 -7.96 4.19
CA SER B 382 27.61 -8.82 3.01
C SER B 382 28.91 -9.62 2.93
N ASN B 383 29.92 -9.28 3.73
CA ASN B 383 31.16 -10.04 3.71
C ASN B 383 30.89 -11.51 4.01
N PRO B 384 31.18 -12.42 3.09
CA PRO B 384 30.86 -13.84 3.33
C PRO B 384 31.71 -14.48 4.40
N ASN B 385 32.87 -13.88 4.73
CA ASN B 385 33.75 -14.46 5.74
C ASN B 385 33.24 -14.28 7.16
N HIS B 386 32.18 -13.50 7.37
CA HIS B 386 31.56 -13.44 8.69
C HIS B 386 30.85 -14.76 8.97
N ARG B 387 31.32 -15.48 9.99
CA ARG B 387 30.71 -16.76 10.34
C ARG B 387 29.28 -16.61 10.81
N THR B 388 28.93 -15.49 11.45
CA THR B 388 27.59 -15.23 11.93
C THR B 388 27.08 -13.90 11.40
N PRO B 389 25.76 -13.76 11.23
CA PRO B 389 25.21 -12.51 10.70
C PRO B 389 25.60 -11.30 11.55
N THR B 390 26.29 -10.36 10.92
CA THR B 390 26.89 -9.21 11.58
C THR B 390 26.08 -7.96 11.27
N LEU B 391 25.52 -7.34 12.30
CA LEU B 391 24.58 -6.24 12.12
C LEU B 391 25.27 -4.97 11.63
N THR B 392 24.53 -4.16 10.91
CA THR B 392 25.01 -2.86 10.44
C THR B 392 23.84 -2.01 9.99
N SER B 393 24.11 -0.71 9.85
CA SER B 393 23.19 0.22 9.20
C SER B 393 23.87 0.98 8.08
N ILE B 394 24.94 0.43 7.50
CA ILE B 394 25.70 1.07 6.45
C ILE B 394 25.59 0.27 5.16
N TYR B 395 25.38 0.98 4.05
CA TYR B 395 25.36 0.41 2.71
C TYR B 395 26.43 1.07 1.86
N CYS B 396 27.10 0.28 1.02
CA CYS B 396 27.94 0.89 -0.01
C CYS B 396 27.07 1.50 -1.10
N ARG B 397 27.42 2.72 -1.53
CA ARG B 397 26.58 3.42 -2.50
C ARG B 397 26.71 2.80 -3.89
N GLY B 398 27.92 2.40 -4.27
CA GLY B 398 28.14 1.90 -5.62
C GLY B 398 27.42 0.60 -5.90
N CYS B 399 27.55 -0.37 -5.00
CA CYS B 399 27.00 -1.70 -5.21
C CYS B 399 25.78 -2.01 -4.35
N SER B 400 25.34 -1.07 -3.52
CA SER B 400 24.18 -1.25 -2.63
C SER B 400 24.30 -2.56 -1.84
N LYS B 401 25.44 -2.73 -1.19
CA LYS B 401 25.75 -3.84 -0.30
C LYS B 401 25.84 -3.35 1.14
N PRO B 402 25.22 -4.07 2.08
CA PRO B 402 25.41 -3.73 3.49
C PRO B 402 26.82 -4.06 3.94
N LEU B 403 27.39 -3.18 4.77
CA LEU B 403 28.72 -3.37 5.34
C LEU B 403 28.70 -2.99 6.81
N CYS B 404 29.28 -3.84 7.66
CA CYS B 404 29.43 -3.46 9.07
C CYS B 404 30.47 -2.35 9.21
N CYS B 405 30.43 -1.68 10.36
CA CYS B 405 31.40 -0.63 10.66
C CYS B 405 32.84 -1.10 10.53
N SER B 406 33.10 -2.36 10.88
CA SER B 406 34.47 -2.87 10.82
C SER B 406 34.96 -2.97 9.39
N CYS B 407 34.21 -3.64 8.51
CA CYS B 407 34.62 -3.72 7.12
C CYS B 407 34.60 -2.37 6.43
N ALA B 408 33.69 -1.48 6.83
CA ALA B 408 33.62 -0.17 6.18
C ALA B 408 34.87 0.66 6.43
N LEU B 409 35.52 0.50 7.59
CA LEU B 409 36.72 1.26 7.90
C LEU B 409 38.00 0.50 7.58
N LEU B 410 38.08 -0.77 7.98
CA LEU B 410 39.34 -1.50 7.89
C LEU B 410 39.60 -2.02 6.48
N ASP B 411 38.58 -2.55 5.83
CA ASP B 411 38.77 -3.16 4.52
C ASP B 411 38.98 -2.10 3.45
N SER B 412 39.92 -2.36 2.54
CA SER B 412 40.17 -1.45 1.43
C SER B 412 39.09 -1.53 0.37
N SER B 413 38.36 -2.65 0.29
CA SER B 413 37.30 -2.80 -0.69
C SER B 413 36.21 -1.75 -0.50
N HIS B 414 35.44 -1.54 -1.57
CA HIS B 414 34.33 -0.58 -1.58
C HIS B 414 34.80 0.84 -1.31
N SER B 415 35.93 1.22 -1.91
CA SER B 415 36.39 2.59 -1.80
C SER B 415 35.45 3.54 -2.54
N GLU B 416 35.44 4.80 -2.09
CA GLU B 416 34.54 5.79 -2.68
C GLU B 416 34.78 5.94 -4.18
N LEU B 417 36.04 5.91 -4.61
CA LEU B 417 36.35 6.01 -6.03
C LEU B 417 35.84 4.81 -6.80
N LYS B 418 36.34 3.61 -6.48
CA LYS B 418 36.02 2.42 -7.23
C LYS B 418 35.82 1.24 -6.28
N CYS B 419 34.94 0.33 -6.69
CA CYS B 419 34.68 -0.89 -5.93
C CYS B 419 35.53 -2.05 -6.45
C1 GLC C . -15.70 -8.98 4.06
C2 GLC C . -15.53 -8.83 5.58
C3 GLC C . -14.11 -8.46 5.96
C4 GLC C . -13.12 -9.40 5.30
C5 GLC C . -13.36 -9.45 3.79
C6 GLC C . -12.43 -10.47 3.14
O1 GLC C . -15.66 -7.71 3.45
O2 GLC C . -16.42 -7.84 6.06
O3 GLC C . -13.99 -8.53 7.37
O4 GLC C . -11.81 -8.96 5.56
O5 GLC C . -14.70 -9.82 3.51
O6 GLC C . -12.41 -10.27 1.74
C1 GLC C . -11.06 -9.60 6.56
C2 GLC C . -10.38 -8.52 7.39
C3 GLC C . -9.44 -7.73 6.50
C4 GLC C . -8.44 -8.67 5.84
C5 GLC C . -9.15 -9.83 5.14
C6 GLC C . -8.12 -10.84 4.66
O2 GLC C . -11.36 -7.67 7.95
O3 GLC C . -8.75 -6.75 7.24
O4 GLC C . -7.64 -7.98 4.91
O5 GLC C . -10.09 -10.47 6.00
O6 GLC C . -8.65 -11.61 3.60
C1 GLC D . 8.37 11.06 -12.33
C2 GLC D . 9.74 10.44 -12.09
C3 GLC D . 9.80 9.65 -10.79
C4 GLC D . 9.26 10.50 -9.63
C5 GLC D . 7.87 11.03 -9.98
C6 GLC D . 7.32 11.93 -8.88
O1 GLC D . 7.44 10.07 -12.71
O2 GLC D . 10.07 9.57 -13.15
O3 GLC D . 11.14 9.30 -10.54
O4 GLC D . 9.20 9.70 -8.47
O5 GLC D . 7.89 11.76 -11.20
O6 GLC D . 5.93 12.10 -9.05
C1 GLC D . 10.23 9.83 -7.51
C2 GLC D . 10.65 8.44 -7.08
C3 GLC D . 9.46 7.71 -6.45
C4 GLC D . 8.93 8.53 -5.28
C5 GLC D . 8.64 9.97 -5.72
C6 GLC D . 8.28 10.82 -4.49
O2 GLC D . 11.11 7.71 -8.19
O3 GLC D . 9.85 6.43 -6.00
O4 GLC D . 7.75 7.95 -4.79
O5 GLC D . 9.75 10.56 -6.39
O6 GLC D . 7.54 11.95 -4.91
ZN ZN E . 4.58 -3.39 32.81
ZN ZN F . -6.88 -5.38 29.55
ZN ZN G . 31.61 -6.89 7.82
ZN ZN H . 30.67 -1.42 -2.89
#